data_2BXA
#
_entry.id   2BXA
#
_cell.length_a   54.980
_cell.length_b   55.430
_cell.length_c   119.970
_cell.angle_alpha   81.01
_cell.angle_beta   90.88
_cell.angle_gamma   64.58
#
_symmetry.space_group_name_H-M   'P 1'
#
loop_
_entity.id
_entity.type
_entity.pdbx_description
1 polymer 'SERUM ALBUMIN'
2 non-polymer 3-CARBOXY-4-METHYL-5-PROPYL-2-FURANPROPIONIC
#
_entity_poly.entity_id   1
_entity_poly.type   'polypeptide(L)'
_entity_poly.pdbx_seq_one_letter_code
;DAHKSEVAHRFKDLGEENFKALVLIAFAQYLQQCPFEDHVKLVNEVTEFAKTCVADESAENCDKSLHTLFGDKLCTVATL
RETYGEMADCCAKQEPERNECFLQHKDDNPNLPRLVRPEVDVMCTAFHDNEETFLKKYLYEIARRHPYFYAPELLFFAKR
YKAAFTECCQAADKAACLLPKLDELRDEGKASSAKQRLKCASLQKFGERAFKAWAVARLSQRFPKAEFAEVSKLVTDLTK
VHTECCHGDLLECADDRADLAKYICENQDSISSKLKECCEKPLLEKSHCIAEVENDEMPADLPSLAADFVESKDVCKNYA
EAKDVFLGMFLYEYARRHPDYSVVLLLRLAKTYETTLEKCCAAADPHECYAKVFDEFKPLVEEPQNLIKQNCELFEQLGE
YKFQNALLVRYTKKVPQVSTPTLVEVSRNLGKVGSKCCKHPEAKRMPCAEDYLSVVLNQLCVLHEKTPVSDRVTKCCTES
LVNRRPCFSALEVDETYVPKEFNAETFTFHADICTLSEKERQIKKQTALVELVKHKPKATKEQLKAVMDDFAAFVEKCCK
ADDKETCFAEEGKKLVAASQAALGL
;
_entity_poly.pdbx_strand_id   A,B
#
loop_
_chem_comp.id
_chem_comp.type
_chem_comp.name
_chem_comp.formula
C1F non-polymer 3-CARBOXY-4-METHYL-5-PROPYL-2-FURANPROPIONIC 'C12 H16 O5'
#
# COMPACT_ATOMS: atom_id res chain seq x y z
N SER A 5 2.38 52.14 -4.68
CA SER A 5 1.54 51.26 -5.53
C SER A 5 0.71 50.29 -4.68
N GLU A 6 -0.56 50.15 -5.03
CA GLU A 6 -1.46 49.27 -4.31
C GLU A 6 -1.33 47.85 -4.84
N VAL A 7 -1.30 47.71 -6.16
CA VAL A 7 -1.16 46.40 -6.78
C VAL A 7 0.09 45.69 -6.29
N ALA A 8 1.20 46.42 -6.23
CA ALA A 8 2.45 45.86 -5.78
C ALA A 8 2.25 45.36 -4.36
N HIS A 9 1.73 46.25 -3.52
CA HIS A 9 1.44 45.97 -2.11
C HIS A 9 0.81 44.59 -1.92
N ARG A 10 -0.38 44.43 -2.47
CA ARG A 10 -1.13 43.18 -2.36
C ARG A 10 -0.44 41.97 -2.97
N PHE A 11 0.27 42.18 -4.08
CA PHE A 11 0.98 41.09 -4.76
C PHE A 11 1.96 40.39 -3.82
N LYS A 12 2.85 41.16 -3.22
CA LYS A 12 3.85 40.60 -2.32
C LYS A 12 3.14 39.82 -1.21
N ASP A 13 2.12 40.44 -0.63
CA ASP A 13 1.36 39.85 0.46
C ASP A 13 0.67 38.53 0.12
N LEU A 14 0.13 38.44 -1.09
CA LEU A 14 -0.58 37.23 -1.49
C LEU A 14 0.23 36.25 -2.29
N GLY A 15 1.24 36.75 -3.01
CA GLY A 15 2.04 35.87 -3.83
C GLY A 15 1.44 35.88 -5.21
N GLU A 16 2.05 35.19 -6.16
CA GLU A 16 1.53 35.17 -7.52
C GLU A 16 0.39 34.19 -7.71
N GLU A 17 0.45 33.05 -7.01
CA GLU A 17 -0.58 32.04 -7.16
C GLU A 17 -1.94 32.50 -6.64
N ASN A 18 -1.98 33.05 -5.43
CA ASN A 18 -3.24 33.53 -4.86
C ASN A 18 -3.72 34.81 -5.55
N PHE A 19 -2.77 35.70 -5.88
CA PHE A 19 -3.07 36.96 -6.55
C PHE A 19 -3.80 36.71 -7.87
N LYS A 20 -3.27 35.77 -8.64
CA LYS A 20 -3.84 35.42 -9.94
C LYS A 20 -5.24 34.84 -9.74
N ALA A 21 -5.38 33.93 -8.78
CA ALA A 21 -6.67 33.31 -8.51
C ALA A 21 -7.73 34.32 -8.11
N LEU A 22 -7.42 35.17 -7.13
CA LEU A 22 -8.38 36.17 -6.66
C LEU A 22 -8.83 37.14 -7.75
N VAL A 23 -7.92 37.51 -8.64
CA VAL A 23 -8.25 38.43 -9.72
C VAL A 23 -9.15 37.75 -10.73
N LEU A 24 -8.95 36.45 -10.92
CA LEU A 24 -9.77 35.70 -11.84
C LEU A 24 -11.21 35.68 -11.31
N ILE A 25 -11.34 35.45 -10.01
CA ILE A 25 -12.65 35.38 -9.37
C ILE A 25 -13.34 36.74 -9.44
N ALA A 26 -12.58 37.81 -9.25
CA ALA A 26 -13.12 39.17 -9.29
C ALA A 26 -13.70 39.46 -10.67
N PHE A 27 -13.01 39.02 -11.71
CA PHE A 27 -13.46 39.25 -13.07
C PHE A 27 -14.65 38.38 -13.43
N ALA A 28 -14.65 37.12 -13.02
CA ALA A 28 -15.75 36.23 -13.32
C ALA A 28 -17.02 36.67 -12.58
N GLN A 29 -16.85 37.37 -11.46
CA GLN A 29 -17.98 37.83 -10.67
C GLN A 29 -18.60 39.12 -11.20
N TYR A 30 -17.80 39.95 -11.85
CA TYR A 30 -18.31 41.20 -12.40
C TYR A 30 -18.94 40.98 -13.76
N LEU A 31 -18.22 40.31 -14.66
CA LEU A 31 -18.73 40.02 -15.99
C LEU A 31 -18.95 38.52 -16.08
N GLN A 32 -20.08 38.06 -15.55
CA GLN A 32 -20.40 36.63 -15.52
C GLN A 32 -20.72 35.98 -16.85
N GLN A 33 -21.05 36.78 -17.87
CA GLN A 33 -21.37 36.20 -19.18
C GLN A 33 -20.15 35.98 -20.09
N CYS A 34 -19.11 36.80 -19.92
CA CYS A 34 -17.90 36.66 -20.73
C CYS A 34 -17.18 35.32 -20.56
N PRO A 35 -16.66 34.75 -21.68
CA PRO A 35 -15.95 33.47 -21.76
C PRO A 35 -14.70 33.35 -20.88
N PHE A 36 -14.30 32.11 -20.65
CA PHE A 36 -13.12 31.80 -19.85
C PHE A 36 -11.85 32.42 -20.43
N GLU A 37 -11.66 32.22 -21.73
CA GLU A 37 -10.50 32.72 -22.46
C GLU A 37 -10.21 34.20 -22.20
N ASP A 38 -11.23 35.03 -22.34
CA ASP A 38 -11.09 36.46 -22.15
C ASP A 38 -10.63 36.85 -20.75
N HIS A 39 -11.20 36.22 -19.72
CA HIS A 39 -10.80 36.54 -18.37
C HIS A 39 -9.34 36.16 -18.20
N VAL A 40 -9.02 34.93 -18.58
CA VAL A 40 -7.65 34.43 -18.52
C VAL A 40 -6.70 35.46 -19.13
N LYS A 41 -7.09 35.99 -20.29
CA LYS A 41 -6.31 36.99 -21.00
C LYS A 41 -6.07 38.23 -20.15
N LEU A 42 -7.15 38.81 -19.63
CA LEU A 42 -7.08 40.01 -18.81
C LEU A 42 -6.31 39.77 -17.51
N VAL A 43 -6.43 38.56 -16.95
CA VAL A 43 -5.73 38.24 -15.72
C VAL A 43 -4.22 38.29 -15.95
N ASN A 44 -3.76 37.62 -17.01
CA ASN A 44 -2.33 37.62 -17.32
C ASN A 44 -1.82 39.02 -17.60
N GLU A 45 -2.55 39.75 -18.44
CA GLU A 45 -2.17 41.12 -18.76
C GLU A 45 -2.04 41.92 -17.47
N VAL A 46 -3.00 41.77 -16.57
CA VAL A 46 -2.98 42.48 -15.30
C VAL A 46 -1.86 42.00 -14.39
N THR A 47 -1.66 40.69 -14.34
CA THR A 47 -0.62 40.11 -13.49
C THR A 47 0.78 40.58 -13.89
N GLU A 48 1.04 40.58 -15.19
CA GLU A 48 2.35 41.02 -15.65
C GLU A 48 2.57 42.47 -15.27
N PHE A 49 1.54 43.31 -15.48
CA PHE A 49 1.63 44.73 -15.12
C PHE A 49 2.06 44.82 -13.67
N ALA A 50 1.47 43.99 -12.82
CA ALA A 50 1.79 44.00 -11.40
C ALA A 50 3.28 43.74 -11.18
N LYS A 51 3.83 42.79 -11.93
CA LYS A 51 5.24 42.43 -11.82
C LYS A 51 6.18 43.63 -12.06
N THR A 52 5.86 44.46 -13.04
CA THR A 52 6.67 45.62 -13.35
C THR A 52 6.60 46.63 -12.21
N CYS A 53 5.45 46.69 -11.53
CA CYS A 53 5.25 47.61 -10.42
C CYS A 53 6.08 47.28 -9.20
N VAL A 54 6.15 45.98 -8.86
CA VAL A 54 6.93 45.56 -7.71
C VAL A 54 8.30 46.20 -7.83
N ALA A 55 8.90 46.05 -9.01
CA ALA A 55 10.22 46.61 -9.28
C ALA A 55 10.18 48.13 -9.26
N ASP A 56 9.54 48.70 -10.28
CA ASP A 56 9.42 50.15 -10.40
C ASP A 56 8.07 50.62 -9.85
N GLU A 57 8.03 50.89 -8.55
CA GLU A 57 6.81 51.34 -7.90
C GLU A 57 6.39 52.74 -8.32
N SER A 58 6.54 53.01 -9.62
CA SER A 58 6.17 54.30 -10.20
C SER A 58 6.25 54.23 -11.72
N ALA A 59 6.19 53.01 -12.24
CA ALA A 59 6.26 52.76 -13.69
C ALA A 59 5.12 53.42 -14.46
N GLU A 60 4.20 52.60 -14.97
CA GLU A 60 3.07 53.09 -15.74
C GLU A 60 2.03 53.81 -14.90
N ASN A 61 1.14 53.05 -14.28
CA ASN A 61 0.09 53.61 -13.45
C ASN A 61 -0.01 52.85 -12.14
N CYS A 62 1.14 52.41 -11.63
CA CYS A 62 1.20 51.67 -10.39
C CYS A 62 0.73 52.50 -9.20
N ASP A 63 0.49 53.78 -9.44
CA ASP A 63 0.03 54.68 -8.40
C ASP A 63 -1.48 54.56 -8.18
N LYS A 64 -2.18 54.16 -9.23
CA LYS A 64 -3.64 54.02 -9.21
C LYS A 64 -4.21 53.00 -8.22
N SER A 65 -5.52 53.09 -8.03
CA SER A 65 -6.25 52.20 -7.14
C SER A 65 -6.66 50.95 -7.92
N LEU A 66 -6.86 49.85 -7.19
CA LEU A 66 -7.24 48.60 -7.81
C LEU A 66 -8.46 48.76 -8.71
N HIS A 67 -9.51 49.41 -8.19
CA HIS A 67 -10.72 49.61 -8.98
C HIS A 67 -10.48 50.23 -10.34
N THR A 68 -9.71 51.33 -10.38
CA THR A 68 -9.42 51.99 -11.64
C THR A 68 -8.86 50.98 -12.63
N LEU A 69 -7.80 50.30 -12.22
CA LEU A 69 -7.14 49.30 -13.06
C LEU A 69 -8.09 48.19 -13.48
N PHE A 70 -8.69 47.52 -12.49
CA PHE A 70 -9.61 46.42 -12.77
C PHE A 70 -10.74 46.86 -13.68
N GLY A 71 -11.26 48.05 -13.42
CA GLY A 71 -12.35 48.58 -14.22
C GLY A 71 -11.97 48.83 -15.66
N ASP A 72 -10.81 49.45 -15.87
CA ASP A 72 -10.35 49.74 -17.21
C ASP A 72 -10.06 48.47 -18.01
N LYS A 73 -9.62 47.41 -17.33
CA LYS A 73 -9.31 46.15 -18.01
C LYS A 73 -10.57 45.38 -18.43
N LEU A 74 -11.65 45.56 -17.69
CA LEU A 74 -12.91 44.88 -18.01
C LEU A 74 -13.64 45.67 -19.08
N CYS A 75 -13.41 46.99 -19.08
CA CYS A 75 -14.02 47.88 -20.06
C CYS A 75 -13.47 47.73 -21.47
N THR A 76 -12.54 46.81 -21.66
CA THR A 76 -11.96 46.61 -22.96
C THR A 76 -12.60 45.38 -23.57
N VAL A 77 -13.67 44.90 -22.95
CA VAL A 77 -14.35 43.71 -23.45
C VAL A 77 -15.87 43.66 -23.19
N ALA A 78 -16.42 44.77 -22.73
CA ALA A 78 -17.86 44.84 -22.43
C ALA A 78 -18.63 45.58 -23.53
N ALA A 88 -21.92 48.61 -21.12
CA ALA A 88 -21.24 49.76 -21.71
C ALA A 88 -21.46 51.03 -20.89
N ASP A 89 -22.72 51.30 -20.55
CA ASP A 89 -23.06 52.47 -19.77
C ASP A 89 -22.21 52.50 -18.49
N CYS A 90 -21.98 51.33 -17.91
CA CYS A 90 -21.16 51.20 -16.70
C CYS A 90 -19.78 51.81 -16.93
N CYS A 91 -19.16 51.44 -18.06
CA CYS A 91 -17.83 51.91 -18.45
C CYS A 91 -17.78 53.36 -18.84
N ALA A 92 -18.95 53.95 -19.08
CA ALA A 92 -19.01 55.36 -19.45
C ALA A 92 -18.73 56.22 -18.21
N LYS A 93 -19.21 55.73 -17.06
CA LYS A 93 -19.00 56.45 -15.80
C LYS A 93 -17.53 56.38 -15.39
N GLN A 94 -17.26 56.92 -14.20
CA GLN A 94 -15.89 56.95 -13.68
C GLN A 94 -15.75 56.37 -12.29
N GLU A 95 -14.50 56.35 -11.82
CA GLU A 95 -14.10 55.82 -10.52
C GLU A 95 -15.16 55.20 -9.59
N PRO A 96 -15.75 55.97 -8.65
CA PRO A 96 -16.76 55.45 -7.73
C PRO A 96 -18.00 54.89 -8.42
N GLU A 97 -18.70 55.79 -9.11
CA GLU A 97 -19.92 55.43 -9.84
C GLU A 97 -19.72 54.24 -10.76
N ARG A 98 -18.58 54.17 -11.42
CA ARG A 98 -18.30 53.06 -12.34
C ARG A 98 -18.29 51.73 -11.61
N ASN A 99 -17.58 51.67 -10.49
CA ASN A 99 -17.48 50.45 -9.69
C ASN A 99 -18.83 50.05 -9.09
N GLU A 100 -19.56 51.03 -8.58
CA GLU A 100 -20.87 50.77 -8.01
C GLU A 100 -21.75 50.16 -9.09
N CYS A 101 -21.59 50.66 -10.32
CA CYS A 101 -22.37 50.17 -11.45
C CYS A 101 -22.27 48.66 -11.58
N PHE A 102 -21.04 48.14 -11.62
CA PHE A 102 -20.81 46.69 -11.71
C PHE A 102 -21.45 45.93 -10.55
N LEU A 103 -21.25 46.40 -9.33
CA LEU A 103 -21.82 45.73 -8.17
C LEU A 103 -23.33 45.58 -8.26
N GLN A 104 -24.00 46.61 -8.79
CA GLN A 104 -25.44 46.57 -8.93
C GLN A 104 -25.89 45.63 -10.04
N HIS A 105 -24.99 45.34 -10.99
CA HIS A 105 -25.37 44.44 -12.07
C HIS A 105 -25.05 42.97 -11.88
N LYS A 106 -24.53 42.62 -10.71
CA LYS A 106 -24.24 41.22 -10.44
C LYS A 106 -25.57 40.48 -10.50
N ASP A 107 -25.55 39.28 -11.05
CA ASP A 107 -26.76 38.53 -11.20
C ASP A 107 -26.75 37.29 -10.32
N ASP A 108 -27.67 37.26 -9.34
CA ASP A 108 -27.80 36.14 -8.41
C ASP A 108 -28.37 34.90 -9.05
N ASN A 109 -28.98 35.08 -10.21
CA ASN A 109 -29.56 33.96 -10.92
C ASN A 109 -29.25 34.09 -12.40
N PRO A 110 -27.95 34.09 -12.76
CA PRO A 110 -27.55 34.22 -14.16
C PRO A 110 -28.12 33.11 -15.01
N ASN A 111 -28.50 33.46 -16.23
CA ASN A 111 -29.08 32.50 -17.16
C ASN A 111 -27.95 31.69 -17.79
N LEU A 112 -27.26 30.92 -16.96
CA LEU A 112 -26.15 30.12 -17.47
C LEU A 112 -26.58 28.65 -17.60
N PRO A 113 -26.02 27.94 -18.60
CA PRO A 113 -26.34 26.53 -18.83
C PRO A 113 -26.02 25.73 -17.59
N ARG A 114 -26.84 24.74 -17.29
CA ARG A 114 -26.57 23.89 -16.14
C ARG A 114 -25.18 23.33 -16.43
N LEU A 115 -24.45 22.99 -15.36
CA LEU A 115 -23.11 22.46 -15.50
C LEU A 115 -23.04 20.94 -15.36
N VAL A 116 -22.76 20.26 -16.49
CA VAL A 116 -22.66 18.80 -16.51
C VAL A 116 -21.19 18.40 -16.50
N ARG A 117 -20.87 17.33 -15.78
CA ARG A 117 -19.50 16.86 -15.67
C ARG A 117 -19.20 15.60 -16.48
N PRO A 118 -18.23 15.68 -17.41
CA PRO A 118 -17.82 14.56 -18.27
C PRO A 118 -17.44 13.32 -17.46
N GLU A 119 -17.32 12.18 -18.14
CA GLU A 119 -16.97 10.94 -17.46
C GLU A 119 -15.64 11.08 -16.74
N VAL A 120 -15.50 10.34 -15.63
CA VAL A 120 -14.30 10.36 -14.79
C VAL A 120 -12.99 10.34 -15.59
N ASP A 121 -12.97 9.53 -16.64
CA ASP A 121 -11.79 9.40 -17.49
C ASP A 121 -11.32 10.70 -18.12
N VAL A 122 -12.24 11.44 -18.74
CA VAL A 122 -11.89 12.71 -19.38
C VAL A 122 -11.33 13.72 -18.39
N MET A 123 -11.97 13.82 -17.22
CA MET A 123 -11.56 14.76 -16.18
C MET A 123 -10.11 14.55 -15.77
N CYS A 124 -9.79 13.32 -15.40
CA CYS A 124 -8.44 12.98 -14.98
C CYS A 124 -7.39 13.30 -16.05
N THR A 125 -7.77 13.13 -17.31
CA THR A 125 -6.89 13.41 -18.45
C THR A 125 -6.63 14.90 -18.52
N ALA A 126 -7.72 15.66 -18.50
CA ALA A 126 -7.66 17.11 -18.56
C ALA A 126 -6.92 17.68 -17.34
N PHE A 127 -7.11 17.04 -16.20
CA PHE A 127 -6.45 17.45 -14.96
C PHE A 127 -4.94 17.16 -15.04
N HIS A 128 -4.59 15.92 -15.37
CA HIS A 128 -3.18 15.53 -15.48
C HIS A 128 -2.43 16.32 -16.56
N ASP A 129 -3.03 16.42 -17.74
CA ASP A 129 -2.40 17.14 -18.84
C ASP A 129 -2.06 18.57 -18.45
N ASN A 130 -3.07 19.36 -18.14
CA ASN A 130 -2.88 20.75 -17.73
C ASN A 130 -3.58 20.95 -16.39
N GLU A 131 -2.79 21.10 -15.33
CA GLU A 131 -3.30 21.27 -13.97
C GLU A 131 -3.77 22.69 -13.64
N GLU A 132 -3.00 23.69 -14.04
CA GLU A 132 -3.35 25.08 -13.76
C GLU A 132 -4.64 25.46 -14.49
N THR A 133 -4.80 24.95 -15.71
CA THR A 133 -5.98 25.27 -16.50
C THR A 133 -7.24 24.60 -15.95
N PHE A 134 -7.09 23.35 -15.55
CA PHE A 134 -8.21 22.59 -15.00
C PHE A 134 -8.74 23.20 -13.70
N LEU A 135 -7.88 23.90 -12.96
CA LEU A 135 -8.32 24.51 -11.72
C LEU A 135 -8.86 25.91 -11.95
N LYS A 136 -8.23 26.66 -12.84
CA LYS A 136 -8.70 28.00 -13.16
C LYS A 136 -10.11 27.95 -13.70
N LYS A 137 -10.46 26.89 -14.41
CA LYS A 137 -11.80 26.77 -14.98
C LYS A 137 -12.83 26.46 -13.90
N TYR A 138 -12.37 25.76 -12.86
CA TYR A 138 -13.24 25.42 -11.74
C TYR A 138 -13.60 26.72 -11.03
N LEU A 139 -12.59 27.53 -10.71
CA LEU A 139 -12.84 28.79 -10.04
C LEU A 139 -13.77 29.65 -10.88
N TYR A 140 -13.48 29.74 -12.17
CA TYR A 140 -14.27 30.53 -13.10
C TYR A 140 -15.75 30.12 -13.08
N GLU A 141 -16.02 28.83 -13.27
CA GLU A 141 -17.40 28.34 -13.31
C GLU A 141 -18.19 28.52 -12.01
N ILE A 142 -17.48 28.65 -10.89
CA ILE A 142 -18.11 28.83 -9.60
C ILE A 142 -18.31 30.33 -9.36
N ALA A 143 -17.28 31.11 -9.63
CA ALA A 143 -17.38 32.54 -9.41
C ALA A 143 -18.45 33.25 -10.26
N ARG A 144 -18.63 32.81 -11.50
CA ARG A 144 -19.62 33.43 -12.38
C ARG A 144 -21.06 33.07 -12.01
N ARG A 145 -21.25 31.89 -11.42
CA ARG A 145 -22.59 31.48 -11.01
C ARG A 145 -22.95 31.98 -9.62
N HIS A 146 -21.93 32.23 -8.80
CA HIS A 146 -22.13 32.70 -7.43
C HIS A 146 -21.36 33.98 -7.27
N PRO A 147 -21.86 35.08 -7.84
CA PRO A 147 -21.21 36.39 -7.77
C PRO A 147 -20.82 36.95 -6.41
N TYR A 148 -21.27 36.31 -5.34
CA TYR A 148 -20.93 36.75 -3.98
C TYR A 148 -20.16 35.71 -3.17
N PHE A 149 -19.70 34.64 -3.82
CA PHE A 149 -18.96 33.63 -3.08
C PHE A 149 -17.80 34.30 -2.29
N TYR A 150 -17.62 33.88 -1.04
CA TYR A 150 -16.56 34.40 -0.16
C TYR A 150 -15.20 34.02 -0.79
N ALA A 151 -14.58 34.98 -1.47
CA ALA A 151 -13.32 34.80 -2.18
C ALA A 151 -12.28 33.95 -1.46
N PRO A 152 -11.85 34.38 -0.28
CA PRO A 152 -10.85 33.58 0.45
C PRO A 152 -11.23 32.12 0.59
N GLU A 153 -12.51 31.86 0.83
CA GLU A 153 -12.99 30.49 0.98
C GLU A 153 -13.05 29.72 -0.34
N LEU A 154 -13.21 30.45 -1.44
CA LEU A 154 -13.25 29.79 -2.73
C LEU A 154 -11.85 29.21 -2.97
N LEU A 155 -10.82 29.93 -2.55
CA LEU A 155 -9.46 29.43 -2.71
C LEU A 155 -9.25 28.18 -1.89
N PHE A 156 -9.99 28.07 -0.79
CA PHE A 156 -9.89 26.90 0.08
C PHE A 156 -10.56 25.69 -0.58
N PHE A 157 -11.68 25.92 -1.26
CA PHE A 157 -12.36 24.81 -1.92
C PHE A 157 -11.55 24.33 -3.14
N ALA A 158 -10.89 25.27 -3.80
CA ALA A 158 -10.07 24.95 -4.96
C ALA A 158 -8.98 23.92 -4.59
N LYS A 159 -8.27 24.17 -3.49
CA LYS A 159 -7.24 23.23 -3.06
C LYS A 159 -7.83 21.88 -2.70
N ARG A 160 -9.02 21.92 -2.12
CA ARG A 160 -9.68 20.70 -1.73
C ARG A 160 -10.11 19.97 -3.00
N TYR A 161 -10.46 20.74 -4.01
CA TYR A 161 -10.88 20.20 -5.31
C TYR A 161 -9.65 19.50 -5.92
N LYS A 162 -8.51 20.19 -5.87
CA LYS A 162 -7.28 19.65 -6.41
C LYS A 162 -6.95 18.32 -5.74
N ALA A 163 -6.99 18.31 -4.40
CA ALA A 163 -6.70 17.11 -3.64
C ALA A 163 -7.60 15.95 -4.02
N ALA A 164 -8.81 16.26 -4.47
CA ALA A 164 -9.75 15.22 -4.86
C ALA A 164 -9.24 14.47 -6.09
N PHE A 165 -8.95 15.21 -7.15
CA PHE A 165 -8.45 14.61 -8.39
C PHE A 165 -7.07 14.00 -8.23
N THR A 166 -6.19 14.74 -7.58
CA THR A 166 -4.83 14.28 -7.38
C THR A 166 -4.83 12.91 -6.73
N GLU A 167 -5.79 12.66 -5.85
CA GLU A 167 -5.84 11.38 -5.16
C GLU A 167 -6.63 10.32 -5.90
N CYS A 168 -7.85 10.66 -6.30
CA CYS A 168 -8.72 9.73 -6.98
C CYS A 168 -8.34 9.27 -8.39
N CYS A 169 -7.60 10.09 -9.12
CA CYS A 169 -7.22 9.71 -10.48
C CYS A 169 -6.15 8.62 -10.53
N GLN A 170 -5.52 8.34 -9.40
CA GLN A 170 -4.50 7.30 -9.36
C GLN A 170 -4.96 6.20 -8.40
N ALA A 171 -6.19 5.74 -8.57
CA ALA A 171 -6.74 4.69 -7.72
C ALA A 171 -7.24 3.51 -8.54
N ALA A 172 -7.96 2.60 -7.90
CA ALA A 172 -8.47 1.41 -8.57
C ALA A 172 -9.71 1.75 -9.38
N ASP A 173 -10.65 2.42 -8.72
CA ASP A 173 -11.89 2.83 -9.36
C ASP A 173 -12.10 4.26 -8.92
N LYS A 174 -11.84 5.17 -9.85
CA LYS A 174 -11.96 6.59 -9.60
C LYS A 174 -13.42 7.00 -9.48
N ALA A 175 -14.26 6.54 -10.42
CA ALA A 175 -15.67 6.87 -10.39
C ALA A 175 -16.16 6.77 -8.94
N ALA A 176 -15.73 5.72 -8.26
CA ALA A 176 -16.13 5.49 -6.87
C ALA A 176 -15.46 6.42 -5.88
N CYS A 177 -14.23 6.83 -6.19
CA CYS A 177 -13.44 7.69 -5.32
C CYS A 177 -13.71 9.19 -5.52
N LEU A 178 -13.87 9.61 -6.77
CA LEU A 178 -14.09 11.02 -7.09
C LEU A 178 -15.54 11.52 -6.99
N LEU A 179 -16.46 10.88 -7.71
CA LEU A 179 -17.86 11.28 -7.68
C LEU A 179 -18.38 11.69 -6.31
N PRO A 180 -18.23 10.83 -5.29
CA PRO A 180 -18.70 11.18 -3.94
C PRO A 180 -18.10 12.48 -3.44
N LYS A 181 -16.77 12.52 -3.33
CA LYS A 181 -16.03 13.69 -2.86
C LYS A 181 -16.43 14.96 -3.60
N LEU A 182 -16.81 14.83 -4.86
CA LEU A 182 -17.20 15.99 -5.64
C LEU A 182 -18.60 16.45 -5.25
N ASP A 183 -19.44 15.51 -4.83
CA ASP A 183 -20.80 15.85 -4.42
C ASP A 183 -20.76 16.61 -3.12
N GLU A 184 -19.97 16.09 -2.18
CA GLU A 184 -19.79 16.68 -0.89
C GLU A 184 -19.34 18.13 -1.09
N LEU A 185 -18.52 18.36 -2.13
CA LEU A 185 -18.02 19.68 -2.44
C LEU A 185 -19.07 20.60 -3.03
N ARG A 186 -19.88 20.08 -3.96
CA ARG A 186 -20.92 20.89 -4.58
C ARG A 186 -21.89 21.39 -3.51
N ASP A 187 -22.37 20.48 -2.66
CA ASP A 187 -23.31 20.87 -1.62
C ASP A 187 -22.70 21.91 -0.70
N GLU A 188 -21.63 21.55 0.01
CA GLU A 188 -20.95 22.45 0.92
C GLU A 188 -20.60 23.79 0.26
N GLY A 189 -20.37 23.78 -1.04
CA GLY A 189 -20.06 25.02 -1.74
C GLY A 189 -21.28 25.91 -1.87
N LYS A 190 -22.45 25.28 -1.99
CA LYS A 190 -23.70 26.02 -2.11
C LYS A 190 -24.07 26.61 -0.74
N ALA A 191 -23.94 25.82 0.32
CA ALA A 191 -24.24 26.29 1.67
C ALA A 191 -23.39 27.53 1.96
N SER A 192 -22.10 27.41 1.69
CA SER A 192 -21.14 28.50 1.92
C SER A 192 -21.60 29.74 1.16
N SER A 193 -21.89 29.56 -0.12
CA SER A 193 -22.38 30.65 -0.95
C SER A 193 -23.61 31.31 -0.32
N ALA A 194 -24.55 30.50 0.17
CA ALA A 194 -25.76 31.03 0.78
C ALA A 194 -25.40 31.85 2.03
N LYS A 195 -24.64 31.26 2.96
CA LYS A 195 -24.21 32.01 4.18
C LYS A 195 -23.57 33.34 3.81
N GLN A 196 -22.68 33.33 2.82
CA GLN A 196 -22.07 34.59 2.46
C GLN A 196 -23.08 35.56 1.85
N ARG A 197 -24.05 35.06 1.06
CA ARG A 197 -25.05 35.98 0.47
C ARG A 197 -25.84 36.73 1.57
N LEU A 198 -26.04 36.09 2.71
CA LEU A 198 -26.75 36.74 3.82
C LEU A 198 -25.88 37.89 4.36
N LYS A 199 -24.58 37.61 4.54
CA LYS A 199 -23.65 38.62 5.05
C LYS A 199 -23.61 39.89 4.21
N CYS A 200 -23.55 39.74 2.90
CA CYS A 200 -23.50 40.88 2.00
C CYS A 200 -24.81 41.66 2.01
N ALA A 201 -25.92 40.93 2.10
CA ALA A 201 -27.23 41.55 2.11
C ALA A 201 -27.37 42.35 3.41
N SER A 202 -26.92 41.77 4.51
CA SER A 202 -27.00 42.47 5.79
C SER A 202 -26.23 43.79 5.68
N LEU A 203 -25.00 43.69 5.21
CA LEU A 203 -24.14 44.87 5.04
C LEU A 203 -24.72 45.87 4.06
N GLN A 204 -25.08 45.37 2.88
CA GLN A 204 -25.61 46.24 1.83
C GLN A 204 -27.02 46.80 2.00
N LYS A 205 -27.94 46.06 2.61
CA LYS A 205 -29.31 46.55 2.74
C LYS A 205 -29.67 47.09 4.13
N PHE A 206 -28.88 46.72 5.14
CA PHE A 206 -29.19 47.17 6.48
C PHE A 206 -28.11 47.99 7.16
N GLY A 207 -26.88 47.94 6.67
CA GLY A 207 -25.82 48.73 7.29
C GLY A 207 -24.88 47.91 8.14
N GLU A 208 -23.69 48.45 8.40
CA GLU A 208 -22.71 47.71 9.20
C GLU A 208 -23.14 47.54 10.65
N ARG A 209 -24.00 48.42 11.13
CA ARG A 209 -24.45 48.29 12.51
C ARG A 209 -25.20 46.95 12.66
N ALA A 210 -25.98 46.60 11.64
CA ALA A 210 -26.72 45.35 11.67
C ALA A 210 -25.76 44.17 11.65
N PHE A 211 -24.71 44.26 10.84
CA PHE A 211 -23.75 43.18 10.77
C PHE A 211 -22.96 43.04 12.07
N LYS A 212 -22.50 44.17 12.63
CA LYS A 212 -21.76 44.17 13.89
C LYS A 212 -22.58 43.49 14.98
N ALA A 213 -23.86 43.83 15.06
CA ALA A 213 -24.72 43.22 16.07
C ALA A 213 -24.69 41.71 15.88
N TRP A 214 -24.87 41.28 14.63
CA TRP A 214 -24.82 39.85 14.30
C TRP A 214 -23.49 39.22 14.74
N ALA A 215 -22.38 39.90 14.46
CA ALA A 215 -21.07 39.38 14.83
C ALA A 215 -20.88 39.25 16.36
N VAL A 216 -21.19 40.31 17.11
CA VAL A 216 -21.05 40.28 18.57
C VAL A 216 -21.76 39.06 19.15
N ALA A 217 -23.05 38.91 18.84
CA ALA A 217 -23.85 37.79 19.32
C ALA A 217 -23.25 36.46 18.89
N ARG A 218 -22.94 36.34 17.61
CA ARG A 218 -22.38 35.09 17.10
C ARG A 218 -20.99 34.77 17.67
N LEU A 219 -20.12 35.77 17.78
CA LEU A 219 -18.77 35.50 18.32
C LEU A 219 -18.79 35.33 19.84
N SER A 220 -19.71 36.01 20.52
CA SER A 220 -19.83 35.88 21.96
C SER A 220 -20.29 34.46 22.30
N GLN A 221 -21.14 33.87 21.45
CA GLN A 221 -21.59 32.49 21.69
C GLN A 221 -20.43 31.50 21.49
N ARG A 222 -19.56 31.81 20.53
CA ARG A 222 -18.44 30.95 20.18
C ARG A 222 -17.22 31.10 21.09
N PHE A 223 -17.01 32.31 21.59
CA PHE A 223 -15.87 32.60 22.46
C PHE A 223 -16.35 33.18 23.78
N PRO A 224 -17.07 32.36 24.57
CA PRO A 224 -17.66 32.68 25.87
C PRO A 224 -16.66 33.21 26.89
N LYS A 225 -15.41 32.75 26.81
CA LYS A 225 -14.38 33.17 27.75
C LYS A 225 -13.67 34.46 27.35
N ALA A 226 -13.83 34.87 26.09
CA ALA A 226 -13.19 36.09 25.62
C ALA A 226 -13.81 37.30 26.33
N GLU A 227 -13.07 38.40 26.37
CA GLU A 227 -13.52 39.63 27.00
C GLU A 227 -14.28 40.50 26.02
N PHE A 228 -15.22 41.28 26.52
CA PHE A 228 -16.00 42.14 25.66
C PHE A 228 -15.10 42.95 24.73
N ALA A 229 -14.08 43.57 25.28
CA ALA A 229 -13.18 44.38 24.46
C ALA A 229 -12.46 43.54 23.41
N GLU A 230 -12.35 42.23 23.66
CA GLU A 230 -11.69 41.34 22.71
C GLU A 230 -12.67 41.06 21.57
N VAL A 231 -13.85 40.55 21.91
CA VAL A 231 -14.88 40.28 20.91
C VAL A 231 -15.04 41.53 20.04
N SER A 232 -15.19 42.68 20.68
CA SER A 232 -15.35 43.95 19.96
C SER A 232 -14.24 44.17 18.94
N LYS A 233 -13.03 43.71 19.28
CA LYS A 233 -11.88 43.89 18.40
C LYS A 233 -12.00 42.93 17.23
N LEU A 234 -12.43 41.70 17.55
CA LEU A 234 -12.62 40.68 16.54
C LEU A 234 -13.72 41.10 15.59
N VAL A 235 -14.81 41.62 16.16
CA VAL A 235 -15.95 42.07 15.38
C VAL A 235 -15.61 43.19 14.41
N THR A 236 -14.87 44.17 14.90
CA THR A 236 -14.46 45.32 14.08
C THR A 236 -13.66 44.86 12.86
N ASP A 237 -12.78 43.87 13.07
CA ASP A 237 -11.94 43.36 11.99
C ASP A 237 -12.74 42.52 11.02
N LEU A 238 -13.55 41.59 11.55
CA LEU A 238 -14.38 40.73 10.72
C LEU A 238 -15.23 41.61 9.82
N THR A 239 -15.88 42.60 10.41
CA THR A 239 -16.72 43.52 9.66
C THR A 239 -15.98 44.09 8.44
N LYS A 240 -14.73 44.50 8.63
CA LYS A 240 -13.95 45.07 7.55
C LYS A 240 -13.71 44.03 6.45
N VAL A 241 -13.38 42.82 6.86
CA VAL A 241 -13.14 41.75 5.91
C VAL A 241 -14.34 41.63 4.99
N HIS A 242 -15.48 41.32 5.57
CA HIS A 242 -16.69 41.16 4.78
C HIS A 242 -17.14 42.41 4.07
N THR A 243 -16.87 43.57 4.66
CA THR A 243 -17.25 44.79 3.98
C THR A 243 -16.47 44.85 2.65
N GLU A 244 -15.22 44.39 2.67
CA GLU A 244 -14.37 44.40 1.49
C GLU A 244 -14.74 43.30 0.48
N CYS A 245 -14.87 42.06 0.94
CA CYS A 245 -15.24 41.00 0.01
C CYS A 245 -16.60 41.29 -0.63
N CYS A 246 -17.59 41.73 0.14
CA CYS A 246 -18.89 42.03 -0.44
C CYS A 246 -18.86 43.23 -1.44
N HIS A 247 -17.95 44.18 -1.25
CA HIS A 247 -17.86 45.31 -2.17
C HIS A 247 -16.97 45.01 -3.38
N GLY A 248 -16.44 43.80 -3.47
CA GLY A 248 -15.58 43.48 -4.59
C GLY A 248 -14.09 43.76 -4.45
N ASP A 249 -13.65 44.15 -3.25
CA ASP A 249 -12.24 44.40 -2.97
C ASP A 249 -11.72 43.06 -2.48
N LEU A 250 -11.61 42.12 -3.41
CA LEU A 250 -11.19 40.77 -3.08
C LEU A 250 -9.74 40.61 -2.59
N LEU A 251 -8.84 41.39 -3.16
CA LEU A 251 -7.43 41.30 -2.77
C LEU A 251 -7.25 41.68 -1.32
N GLU A 252 -7.69 42.89 -0.97
CA GLU A 252 -7.57 43.35 0.40
C GLU A 252 -8.36 42.47 1.36
N CYS A 253 -9.48 41.93 0.91
CA CYS A 253 -10.29 41.08 1.77
C CYS A 253 -9.53 39.85 2.17
N ALA A 254 -8.89 39.21 1.19
CA ALA A 254 -8.12 38.00 1.46
C ALA A 254 -6.92 38.34 2.35
N ASP A 255 -6.33 39.49 2.08
CA ASP A 255 -5.18 39.96 2.85
C ASP A 255 -5.61 40.13 4.30
N ASP A 256 -6.61 40.99 4.51
CA ASP A 256 -7.12 41.26 5.83
C ASP A 256 -7.55 40.01 6.56
N ARG A 257 -8.16 39.08 5.83
CA ARG A 257 -8.61 37.84 6.46
C ARG A 257 -7.45 36.99 6.96
N ALA A 258 -6.27 37.13 6.33
CA ALA A 258 -5.10 36.38 6.74
C ALA A 258 -4.64 36.96 8.08
N ASP A 259 -4.45 38.27 8.10
CA ASP A 259 -4.04 38.96 9.31
C ASP A 259 -4.88 38.49 10.48
N LEU A 260 -6.20 38.61 10.33
CA LEU A 260 -7.14 38.21 11.38
C LEU A 260 -6.88 36.79 11.88
N ALA A 261 -6.56 35.89 10.95
CA ALA A 261 -6.28 34.52 11.34
C ALA A 261 -5.00 34.49 12.16
N LYS A 262 -3.99 35.27 11.76
CA LYS A 262 -2.73 35.31 12.51
C LYS A 262 -3.04 35.77 13.93
N TYR A 263 -3.60 36.97 14.04
CA TYR A 263 -3.96 37.53 15.33
C TYR A 263 -4.63 36.48 16.21
N ILE A 264 -5.75 35.94 15.76
CA ILE A 264 -6.48 34.94 16.52
C ILE A 264 -5.61 33.82 17.05
N CYS A 265 -4.71 33.31 16.21
CA CYS A 265 -3.82 32.23 16.60
C CYS A 265 -2.77 32.64 17.64
N GLU A 266 -2.20 33.83 17.46
CA GLU A 266 -1.22 34.33 18.40
C GLU A 266 -1.89 34.47 19.77
N ASN A 267 -3.07 35.12 19.80
CA ASN A 267 -3.78 35.32 21.05
C ASN A 267 -4.81 34.27 21.45
N GLN A 268 -4.60 33.03 21.00
CA GLN A 268 -5.52 31.94 21.33
C GLN A 268 -6.02 31.99 22.77
N ASP A 269 -5.11 31.81 23.70
CA ASP A 269 -5.40 31.81 25.13
C ASP A 269 -6.44 32.85 25.56
N SER A 270 -6.44 34.01 24.92
CA SER A 270 -7.38 35.07 25.26
C SER A 270 -8.74 34.98 24.55
N ILE A 271 -8.86 34.02 23.62
CA ILE A 271 -10.09 33.86 22.84
C ILE A 271 -10.84 32.55 23.06
N SER A 272 -10.22 31.43 22.71
CA SER A 272 -10.86 30.13 22.89
C SER A 272 -9.83 29.03 22.99
N SER A 273 -10.21 27.93 23.61
CA SER A 273 -9.30 26.80 23.77
C SER A 273 -9.49 25.71 22.72
N LYS A 274 -10.34 25.97 21.73
CA LYS A 274 -10.58 25.00 20.69
C LYS A 274 -9.90 25.44 19.40
N LEU A 275 -9.09 26.49 19.49
CA LEU A 275 -8.40 27.01 18.32
C LEU A 275 -7.08 26.33 18.04
N LYS A 276 -6.67 25.43 18.93
CA LYS A 276 -5.39 24.74 18.75
C LYS A 276 -5.24 24.02 17.42
N GLU A 277 -6.04 22.99 17.19
CA GLU A 277 -5.98 22.21 15.95
C GLU A 277 -5.94 23.12 14.71
N CYS A 278 -6.69 24.21 14.77
CA CYS A 278 -6.78 25.15 13.66
C CYS A 278 -5.47 25.87 13.32
N CYS A 279 -4.82 26.39 14.36
CA CYS A 279 -3.59 27.13 14.18
C CYS A 279 -2.39 26.30 13.78
N GLU A 280 -2.54 24.97 13.78
CA GLU A 280 -1.46 24.08 13.43
C GLU A 280 -1.59 23.53 12.03
N LYS A 281 -1.94 24.39 11.07
CA LYS A 281 -2.07 23.96 9.69
C LYS A 281 -1.89 25.09 8.69
N PRO A 282 -1.89 24.79 7.38
CA PRO A 282 -1.73 25.77 6.31
C PRO A 282 -2.72 26.95 6.40
N LEU A 283 -2.30 28.09 5.86
CA LEU A 283 -3.12 29.30 5.88
C LEU A 283 -4.58 29.09 5.50
N LEU A 284 -4.80 28.70 4.25
CA LEU A 284 -6.15 28.47 3.76
C LEU A 284 -6.94 27.53 4.64
N GLU A 285 -6.29 26.48 5.15
CA GLU A 285 -6.99 25.54 6.01
C GLU A 285 -7.13 26.10 7.42
N LYS A 286 -6.25 27.03 7.79
CA LYS A 286 -6.31 27.64 9.11
C LYS A 286 -7.51 28.58 9.22
N SER A 287 -7.67 29.46 8.23
CA SER A 287 -8.77 30.41 8.20
C SER A 287 -10.10 29.69 8.27
N HIS A 288 -10.30 28.76 7.34
CA HIS A 288 -11.52 27.98 7.24
C HIS A 288 -11.84 27.29 8.57
N CYS A 289 -10.82 26.70 9.19
CA CYS A 289 -10.98 26.02 10.46
C CYS A 289 -11.45 26.97 11.57
N ILE A 290 -10.81 28.13 11.69
CA ILE A 290 -11.18 29.12 12.70
C ILE A 290 -12.63 29.60 12.54
N ALA A 291 -13.05 29.80 11.30
CA ALA A 291 -14.40 30.27 11.02
C ALA A 291 -15.46 29.23 11.35
N GLU A 292 -15.08 27.97 11.41
CA GLU A 292 -16.04 26.91 11.70
C GLU A 292 -15.85 26.19 13.03
N VAL A 293 -14.99 26.71 13.90
CA VAL A 293 -14.73 26.09 15.20
C VAL A 293 -15.96 26.09 16.08
N GLU A 294 -16.14 25.02 16.85
CA GLU A 294 -17.29 24.92 17.74
C GLU A 294 -17.18 25.87 18.94
N ASN A 295 -18.29 26.05 19.63
CA ASN A 295 -18.34 26.93 20.79
C ASN A 295 -17.48 26.40 21.92
N ASP A 296 -16.77 27.31 22.59
CA ASP A 296 -15.91 26.94 23.70
C ASP A 296 -16.82 26.68 24.91
N GLU A 297 -16.30 26.00 25.92
CA GLU A 297 -17.10 25.73 27.12
C GLU A 297 -17.44 27.04 27.80
N MET A 298 -18.63 27.08 28.39
CA MET A 298 -19.10 28.27 29.07
C MET A 298 -18.41 28.46 30.43
N PRO A 299 -17.88 29.67 30.69
CA PRO A 299 -17.21 29.94 31.96
C PRO A 299 -18.15 29.53 33.11
N ALA A 300 -17.57 28.95 34.15
CA ALA A 300 -18.33 28.47 35.30
C ALA A 300 -19.18 29.50 36.03
N ASP A 301 -18.58 30.21 36.97
CA ASP A 301 -19.32 31.17 37.77
C ASP A 301 -19.62 32.52 37.12
N LEU A 302 -20.77 32.62 36.48
CA LEU A 302 -21.20 33.85 35.83
C LEU A 302 -22.37 34.44 36.60
N PRO A 303 -22.29 35.74 36.92
CA PRO A 303 -23.36 36.40 37.66
C PRO A 303 -24.68 36.34 36.91
N SER A 304 -25.73 36.91 37.50
CA SER A 304 -27.03 36.92 36.85
C SER A 304 -27.11 38.21 36.05
N LEU A 305 -27.74 38.14 34.88
CA LEU A 305 -27.89 39.29 34.01
C LEU A 305 -28.71 40.38 34.67
N ALA A 306 -29.78 39.98 35.35
CA ALA A 306 -30.68 40.90 36.04
C ALA A 306 -29.91 41.91 36.87
N ALA A 307 -28.80 41.45 37.45
CA ALA A 307 -27.97 42.29 38.28
C ALA A 307 -27.65 43.64 37.65
N ASP A 308 -26.80 43.63 36.63
CA ASP A 308 -26.38 44.84 35.96
C ASP A 308 -27.31 45.39 34.89
N PHE A 309 -28.31 44.61 34.48
CA PHE A 309 -29.19 45.08 33.41
C PHE A 309 -30.66 45.39 33.74
N VAL A 310 -31.19 44.89 34.85
CA VAL A 310 -32.58 45.24 35.18
C VAL A 310 -32.72 45.76 36.61
N GLU A 311 -31.97 45.18 37.55
CA GLU A 311 -32.05 45.58 38.94
C GLU A 311 -31.27 46.86 39.21
N SER A 312 -30.04 46.94 38.72
CA SER A 312 -29.25 48.14 38.93
C SER A 312 -30.12 49.37 38.68
N LYS A 313 -29.80 50.47 39.38
CA LYS A 313 -30.57 51.69 39.24
C LYS A 313 -29.82 52.66 38.34
N ASP A 314 -28.66 52.23 37.85
CA ASP A 314 -27.87 53.05 36.96
C ASP A 314 -28.12 52.74 35.49
N VAL A 315 -29.04 51.80 35.24
CA VAL A 315 -29.35 51.41 33.87
C VAL A 315 -29.47 52.59 32.91
N CYS A 316 -30.50 53.40 33.10
CA CYS A 316 -30.72 54.55 32.22
C CYS A 316 -29.54 55.50 32.06
N LYS A 317 -28.74 55.68 33.12
CA LYS A 317 -27.59 56.57 33.03
C LYS A 317 -26.54 55.95 32.12
N ASN A 318 -26.28 54.66 32.31
CA ASN A 318 -25.30 54.00 31.46
C ASN A 318 -25.79 53.93 30.02
N TYR A 319 -27.09 53.70 29.86
CA TYR A 319 -27.69 53.64 28.54
C TYR A 319 -27.52 54.98 27.85
N ALA A 320 -27.75 56.05 28.60
CA ALA A 320 -27.64 57.42 28.08
C ALA A 320 -26.20 57.78 27.69
N GLU A 321 -25.25 57.42 28.55
CA GLU A 321 -23.83 57.70 28.33
C GLU A 321 -23.28 57.09 27.02
N ALA A 322 -23.49 55.80 26.83
CA ALA A 322 -22.99 55.13 25.61
C ALA A 322 -23.94 54.02 25.12
N LYS A 323 -25.11 54.43 24.66
CA LYS A 323 -26.14 53.52 24.16
C LYS A 323 -25.58 52.31 23.40
N ASP A 324 -24.60 52.56 22.54
CA ASP A 324 -23.98 51.51 21.72
C ASP A 324 -23.17 50.49 22.48
N VAL A 325 -22.26 50.98 23.32
CA VAL A 325 -21.42 50.07 24.09
C VAL A 325 -22.29 49.31 25.07
N PHE A 326 -23.22 50.01 25.72
CA PHE A 326 -24.08 49.37 26.68
C PHE A 326 -24.91 48.22 26.09
N LEU A 327 -25.60 48.48 24.98
CA LEU A 327 -26.39 47.43 24.32
C LEU A 327 -25.45 46.37 23.80
N GLY A 328 -24.30 46.77 23.30
CA GLY A 328 -23.35 45.79 22.83
C GLY A 328 -22.98 44.87 23.99
N MET A 329 -22.83 45.44 25.17
CA MET A 329 -22.47 44.63 26.33
C MET A 329 -23.59 43.70 26.74
N PHE A 330 -24.81 44.15 26.55
CA PHE A 330 -25.97 43.33 26.88
C PHE A 330 -25.99 42.09 26.00
N LEU A 331 -25.78 42.30 24.71
CA LEU A 331 -25.82 41.20 23.76
C LEU A 331 -24.74 40.17 24.04
N TYR A 332 -23.51 40.65 24.24
CA TYR A 332 -22.38 39.79 24.55
C TYR A 332 -22.67 38.95 25.80
N GLU A 333 -23.14 39.59 26.88
CA GLU A 333 -23.46 38.89 28.12
C GLU A 333 -24.56 37.86 27.97
N TYR A 334 -25.59 38.22 27.20
CA TYR A 334 -26.71 37.31 27.04
C TYR A 334 -26.34 36.19 26.08
N ALA A 335 -25.62 36.53 25.02
CA ALA A 335 -25.20 35.56 24.02
C ALA A 335 -24.23 34.52 24.56
N ARG A 336 -23.21 34.99 25.27
CA ARG A 336 -22.19 34.08 25.80
C ARG A 336 -22.79 32.98 26.64
N ARG A 337 -23.86 33.27 27.37
CA ARG A 337 -24.41 32.21 28.19
C ARG A 337 -25.62 31.50 27.58
N HIS A 338 -25.83 31.70 26.29
CA HIS A 338 -26.94 31.07 25.60
C HIS A 338 -26.59 30.51 24.23
N PRO A 339 -25.66 29.54 24.20
CA PRO A 339 -25.28 28.97 22.92
C PRO A 339 -26.46 28.14 22.42
N ASP A 340 -27.51 28.06 23.23
CA ASP A 340 -28.70 27.29 22.88
C ASP A 340 -29.73 28.13 22.15
N TYR A 341 -29.49 29.44 22.10
CA TYR A 341 -30.39 30.35 21.39
C TYR A 341 -29.80 30.61 19.99
N SER A 342 -30.67 30.93 19.04
CA SER A 342 -30.22 31.24 17.70
C SER A 342 -29.75 32.70 17.72
N VAL A 343 -28.84 33.04 16.83
CA VAL A 343 -28.36 34.42 16.72
C VAL A 343 -29.52 35.43 16.50
N VAL A 344 -30.48 35.10 15.64
CA VAL A 344 -31.61 36.02 15.41
C VAL A 344 -32.49 36.21 16.64
N LEU A 345 -32.66 35.18 17.45
CA LEU A 345 -33.45 35.33 18.66
C LEU A 345 -32.71 36.30 19.61
N LEU A 346 -31.42 36.12 19.79
CA LEU A 346 -30.67 37.03 20.65
C LEU A 346 -30.81 38.46 20.14
N LEU A 347 -30.77 38.66 18.83
CA LEU A 347 -30.92 40.00 18.29
C LEU A 347 -32.33 40.54 18.52
N ARG A 348 -33.32 39.67 18.59
CA ARG A 348 -34.69 40.12 18.83
C ARG A 348 -34.78 40.55 20.29
N LEU A 349 -34.14 39.77 21.17
CA LEU A 349 -34.14 40.08 22.59
C LEU A 349 -33.48 41.46 22.79
N ALA A 350 -32.30 41.63 22.20
CA ALA A 350 -31.58 42.89 22.31
C ALA A 350 -32.42 44.03 21.79
N LYS A 351 -33.19 43.78 20.76
CA LYS A 351 -34.02 44.83 20.21
C LYS A 351 -35.15 45.15 21.18
N THR A 352 -35.68 44.12 21.84
CA THR A 352 -36.77 44.30 22.77
C THR A 352 -36.32 45.10 24.01
N TYR A 353 -35.11 44.80 24.48
CA TYR A 353 -34.52 45.45 25.64
C TYR A 353 -34.27 46.92 25.34
N GLU A 354 -33.73 47.19 24.17
CA GLU A 354 -33.47 48.57 23.77
C GLU A 354 -34.75 49.39 23.71
N THR A 355 -35.79 48.85 23.05
CA THR A 355 -37.06 49.54 22.93
C THR A 355 -37.63 49.85 24.31
N THR A 356 -37.36 48.97 25.26
CA THR A 356 -37.86 49.17 26.61
C THR A 356 -37.13 50.28 27.34
N LEU A 357 -35.81 50.37 27.18
CA LEU A 357 -35.09 51.42 27.85
C LEU A 357 -35.46 52.77 27.23
N GLU A 358 -35.63 52.79 25.90
CA GLU A 358 -36.00 54.02 25.22
C GLU A 358 -37.27 54.62 25.82
N LYS A 359 -38.32 53.82 25.96
CA LYS A 359 -39.56 54.33 26.52
C LYS A 359 -39.50 54.47 28.04
N CYS A 360 -39.02 53.45 28.72
CA CYS A 360 -38.91 53.49 30.17
C CYS A 360 -38.06 54.63 30.73
N CYS A 361 -36.85 54.80 30.21
CA CYS A 361 -35.95 55.86 30.70
C CYS A 361 -36.50 57.26 30.51
N ALA A 362 -37.70 57.36 29.96
CA ALA A 362 -38.32 58.65 29.75
C ALA A 362 -39.47 58.82 30.74
N ALA A 363 -39.62 57.85 31.62
CA ALA A 363 -40.69 57.89 32.62
C ALA A 363 -40.24 58.58 33.89
N ALA A 364 -41.14 58.63 34.86
CA ALA A 364 -40.88 59.25 36.16
C ALA A 364 -39.98 58.35 36.98
N ASP A 365 -40.37 57.09 37.08
CA ASP A 365 -39.58 56.10 37.80
C ASP A 365 -39.18 55.02 36.81
N PRO A 366 -38.03 55.20 36.15
CA PRO A 366 -37.51 54.26 35.17
C PRO A 366 -37.50 52.84 35.71
N HIS A 367 -36.81 52.65 36.83
CA HIS A 367 -36.71 51.33 37.45
C HIS A 367 -37.98 50.50 37.43
N GLU A 368 -39.10 51.07 37.89
CA GLU A 368 -40.37 50.38 37.92
C GLU A 368 -40.79 49.90 36.54
N CYS A 369 -40.64 50.80 35.58
CA CYS A 369 -41.00 50.55 34.19
C CYS A 369 -40.21 49.41 33.54
N TYR A 370 -38.88 49.44 33.62
CA TYR A 370 -38.10 48.39 33.00
C TYR A 370 -37.78 47.21 33.89
N ALA A 371 -38.50 47.11 35.01
CA ALA A 371 -38.27 46.04 35.97
C ALA A 371 -38.70 44.66 35.50
N LYS A 372 -39.68 44.59 34.60
CA LYS A 372 -40.15 43.30 34.13
C LYS A 372 -39.85 42.97 32.67
N VAL A 373 -38.75 43.52 32.15
CA VAL A 373 -38.37 43.30 30.76
C VAL A 373 -38.18 41.82 30.38
N PHE A 374 -37.72 41.01 31.34
CA PHE A 374 -37.52 39.58 31.09
C PHE A 374 -38.81 38.82 30.89
N ASP A 375 -39.93 39.40 31.30
CA ASP A 375 -41.21 38.73 31.09
C ASP A 375 -41.58 38.94 29.62
N GLU A 376 -40.98 39.96 29.01
CA GLU A 376 -41.20 40.29 27.61
C GLU A 376 -40.42 39.33 26.73
N PHE A 377 -39.41 38.68 27.30
CA PHE A 377 -38.58 37.74 26.56
C PHE A 377 -39.23 36.38 26.45
N LYS A 378 -39.82 35.93 27.55
CA LYS A 378 -40.47 34.61 27.59
C LYS A 378 -41.23 34.27 26.29
N PRO A 379 -42.17 35.15 25.87
CA PRO A 379 -42.92 34.86 24.63
C PRO A 379 -42.03 34.73 23.39
N LEU A 380 -40.97 35.53 23.33
CA LEU A 380 -40.09 35.49 22.17
C LEU A 380 -39.23 34.25 22.12
N VAL A 381 -38.94 33.68 23.27
CA VAL A 381 -38.09 32.51 23.31
C VAL A 381 -38.91 31.25 23.02
N GLU A 382 -40.18 31.28 23.39
CA GLU A 382 -41.04 30.12 23.19
C GLU A 382 -41.52 29.90 21.76
N GLU A 383 -41.78 30.99 21.05
CA GLU A 383 -42.25 30.91 19.68
C GLU A 383 -41.30 30.02 18.83
N PRO A 384 -40.00 30.37 18.79
CA PRO A 384 -39.07 29.57 18.01
C PRO A 384 -39.05 28.12 18.46
N GLN A 385 -39.07 27.91 19.78
CA GLN A 385 -39.03 26.55 20.31
C GLN A 385 -40.25 25.73 19.91
N ASN A 386 -41.43 26.34 19.91
CA ASN A 386 -42.63 25.60 19.54
C ASN A 386 -42.65 25.31 18.05
N LEU A 387 -42.18 26.25 17.25
CA LEU A 387 -42.15 26.06 15.83
C LEU A 387 -41.28 24.84 15.49
N ILE A 388 -40.05 24.85 16.03
CA ILE A 388 -39.09 23.76 15.83
C ILE A 388 -39.63 22.42 16.35
N LYS A 389 -40.18 22.41 17.54
CA LYS A 389 -40.71 21.19 18.12
C LYS A 389 -41.79 20.60 17.22
N GLN A 390 -42.67 21.46 16.72
CA GLN A 390 -43.76 21.00 15.84
C GLN A 390 -43.21 20.39 14.58
N ASN A 391 -42.63 21.25 13.74
CA ASN A 391 -42.08 20.87 12.46
C ASN A 391 -41.08 19.73 12.43
N CYS A 392 -40.44 19.43 13.55
CA CYS A 392 -39.51 18.31 13.54
C CYS A 392 -40.30 17.04 13.80
N GLU A 393 -41.41 17.19 14.51
CA GLU A 393 -42.26 16.05 14.82
C GLU A 393 -42.94 15.66 13.50
N LEU A 394 -43.31 16.67 12.72
CA LEU A 394 -43.93 16.45 11.43
C LEU A 394 -42.91 15.82 10.46
N PHE A 395 -41.69 16.36 10.46
CA PHE A 395 -40.64 15.86 9.59
C PHE A 395 -40.39 14.39 9.84
N GLU A 396 -40.26 14.02 11.11
CA GLU A 396 -40.01 12.65 11.49
C GLU A 396 -41.09 11.70 10.99
N GLN A 397 -42.31 12.20 10.87
CA GLN A 397 -43.42 11.39 10.42
C GLN A 397 -43.50 11.29 8.89
N LEU A 398 -43.32 12.41 8.21
CA LEU A 398 -43.41 12.43 6.75
C LEU A 398 -42.17 12.08 5.93
N GLY A 399 -40.97 12.35 6.47
CA GLY A 399 -39.76 12.09 5.72
C GLY A 399 -39.50 13.35 4.91
N GLU A 400 -38.32 13.49 4.35
CA GLU A 400 -37.98 14.69 3.62
C GLU A 400 -38.86 15.12 2.45
N TYR A 401 -39.01 14.24 1.46
CA TYR A 401 -39.81 14.54 0.28
C TYR A 401 -41.20 15.05 0.62
N LYS A 402 -41.92 14.32 1.45
CA LYS A 402 -43.26 14.75 1.84
C LYS A 402 -43.22 16.05 2.64
N PHE A 403 -42.20 16.22 3.49
CA PHE A 403 -42.11 17.44 4.27
C PHE A 403 -41.94 18.63 3.35
N GLN A 404 -41.10 18.50 2.33
CA GLN A 404 -40.91 19.58 1.38
C GLN A 404 -42.21 19.90 0.66
N ASN A 405 -42.99 18.86 0.34
CA ASN A 405 -44.25 19.08 -0.35
C ASN A 405 -45.16 19.89 0.55
N ALA A 406 -45.19 19.53 1.83
CA ALA A 406 -46.00 20.25 2.79
C ALA A 406 -45.62 21.73 2.83
N LEU A 407 -44.32 22.01 2.81
CA LEU A 407 -43.84 23.39 2.85
C LEU A 407 -44.14 24.09 1.53
N LEU A 408 -44.11 23.32 0.44
CA LEU A 408 -44.40 23.86 -0.90
C LEU A 408 -45.82 24.42 -0.92
N VAL A 409 -46.78 23.62 -0.46
CA VAL A 409 -48.17 24.04 -0.44
C VAL A 409 -48.34 25.29 0.44
N ARG A 410 -47.68 25.27 1.59
CA ARG A 410 -47.77 26.38 2.54
C ARG A 410 -47.26 27.68 1.96
N TYR A 411 -46.06 27.66 1.45
CA TYR A 411 -45.52 28.88 0.92
C TYR A 411 -46.22 29.44 -0.31
N THR A 412 -46.67 28.57 -1.21
CA THR A 412 -47.36 29.05 -2.41
C THR A 412 -48.65 29.76 -2.00
N LYS A 413 -49.34 29.20 -1.02
CA LYS A 413 -50.56 29.83 -0.52
C LYS A 413 -50.25 31.15 0.16
N LYS A 414 -49.05 31.28 0.72
CA LYS A 414 -48.68 32.53 1.39
C LYS A 414 -48.39 33.60 0.38
N VAL A 415 -47.56 33.26 -0.61
CA VAL A 415 -47.15 34.22 -1.62
C VAL A 415 -47.24 33.63 -3.05
N PRO A 416 -48.48 33.41 -3.54
CA PRO A 416 -48.83 32.85 -4.86
C PRO A 416 -48.23 33.52 -6.10
N GLN A 417 -47.93 34.81 -6.01
CA GLN A 417 -47.36 35.53 -7.13
C GLN A 417 -45.90 35.16 -7.50
N VAL A 418 -45.15 34.67 -6.51
CA VAL A 418 -43.76 34.32 -6.74
C VAL A 418 -43.66 33.24 -7.81
N SER A 419 -42.67 33.39 -8.70
CA SER A 419 -42.47 32.45 -9.80
C SER A 419 -42.25 31.04 -9.33
N THR A 420 -42.84 30.10 -10.05
CA THR A 420 -42.75 28.69 -9.71
C THR A 420 -41.33 28.14 -9.52
N PRO A 421 -40.35 28.65 -10.29
CA PRO A 421 -39.00 28.11 -10.07
C PRO A 421 -38.42 28.54 -8.70
N THR A 422 -38.63 29.80 -8.33
CA THR A 422 -38.15 30.30 -7.04
C THR A 422 -38.84 29.57 -5.88
N LEU A 423 -40.15 29.39 -5.96
CA LEU A 423 -40.88 28.72 -4.89
C LEU A 423 -40.37 27.30 -4.72
N VAL A 424 -40.25 26.56 -5.83
CA VAL A 424 -39.77 25.18 -5.75
C VAL A 424 -38.37 25.10 -5.09
N GLU A 425 -37.45 25.95 -5.53
CA GLU A 425 -36.08 25.98 -4.98
C GLU A 425 -36.07 26.33 -3.47
N VAL A 426 -36.75 27.42 -3.10
CA VAL A 426 -36.83 27.88 -1.73
C VAL A 426 -37.50 26.84 -0.83
N SER A 427 -38.57 26.23 -1.28
CA SER A 427 -39.26 25.24 -0.46
C SER A 427 -38.44 23.97 -0.25
N ARG A 428 -37.75 23.50 -1.29
CA ARG A 428 -36.94 22.29 -1.16
C ARG A 428 -35.89 22.58 -0.09
N ASN A 429 -35.23 23.73 -0.21
CA ASN A 429 -34.20 24.15 0.73
C ASN A 429 -34.77 24.21 2.15
N LEU A 430 -35.89 24.92 2.32
CA LEU A 430 -36.52 25.02 3.64
C LEU A 430 -36.75 23.63 4.20
N GLY A 431 -37.12 22.71 3.31
CA GLY A 431 -37.38 21.35 3.74
C GLY A 431 -36.11 20.62 4.21
N LYS A 432 -34.95 21.03 3.72
CA LYS A 432 -33.74 20.34 4.16
C LYS A 432 -33.45 20.65 5.63
N VAL A 433 -33.96 21.76 6.15
CA VAL A 433 -33.74 22.12 7.54
C VAL A 433 -34.13 20.92 8.40
N GLY A 434 -35.05 20.12 7.89
CA GLY A 434 -35.50 18.96 8.62
C GLY A 434 -34.44 17.91 8.85
N SER A 435 -33.70 17.58 7.80
CA SER A 435 -32.66 16.58 7.89
C SER A 435 -31.41 17.15 8.56
N LYS A 436 -31.15 18.42 8.32
CA LYS A 436 -29.97 19.06 8.87
C LYS A 436 -30.01 19.37 10.37
N CYS A 437 -31.19 19.57 10.93
CA CYS A 437 -31.30 19.95 12.34
C CYS A 437 -32.12 19.09 13.28
N CYS A 438 -33.22 18.53 12.81
CA CYS A 438 -34.07 17.75 13.68
C CYS A 438 -33.41 16.62 14.46
N LYS A 439 -32.32 16.07 13.93
CA LYS A 439 -31.62 14.98 14.59
C LYS A 439 -30.83 15.43 15.82
N HIS A 440 -30.65 16.74 15.97
CA HIS A 440 -29.93 17.27 17.13
C HIS A 440 -30.84 17.30 18.35
N PRO A 441 -30.24 17.37 19.55
CA PRO A 441 -31.02 17.41 20.79
C PRO A 441 -31.49 18.86 21.02
N GLU A 442 -32.57 19.01 21.79
CA GLU A 442 -33.14 20.33 22.07
C GLU A 442 -32.11 21.46 22.17
N ALA A 443 -31.05 21.23 22.93
CA ALA A 443 -30.01 22.23 23.13
C ALA A 443 -29.42 22.89 21.88
N LYS A 444 -29.16 22.11 20.84
CA LYS A 444 -28.58 22.65 19.61
C LYS A 444 -29.55 22.86 18.47
N ARG A 445 -30.82 22.52 18.66
CA ARG A 445 -31.78 22.68 17.58
C ARG A 445 -32.08 24.05 17.07
N MET A 446 -32.28 25.01 17.99
CA MET A 446 -32.63 26.37 17.57
C MET A 446 -31.58 27.13 16.78
N PRO A 447 -30.30 27.03 17.19
CA PRO A 447 -29.30 27.77 16.40
C PRO A 447 -29.29 27.17 15.01
N CYS A 448 -29.31 25.83 14.95
CA CYS A 448 -29.27 25.11 13.69
C CYS A 448 -30.42 25.49 12.76
N ALA A 449 -31.65 25.25 13.22
CA ALA A 449 -32.84 25.51 12.45
C ALA A 449 -33.14 26.96 12.10
N GLU A 450 -33.27 27.81 13.11
CA GLU A 450 -33.62 29.17 12.78
C GLU A 450 -32.57 29.98 12.05
N ASP A 451 -31.28 29.78 12.34
CA ASP A 451 -30.31 30.57 11.59
C ASP A 451 -30.22 30.06 10.15
N TYR A 452 -30.45 28.77 9.97
CA TYR A 452 -30.46 28.20 8.62
C TYR A 452 -31.66 28.79 7.84
N LEU A 453 -32.83 28.86 8.49
CA LEU A 453 -34.02 29.43 7.87
C LEU A 453 -33.74 30.86 7.40
N SER A 454 -32.89 31.58 8.14
CA SER A 454 -32.55 32.96 7.79
C SER A 454 -31.74 32.99 6.52
N VAL A 455 -30.90 31.96 6.31
CA VAL A 455 -30.10 31.94 5.10
C VAL A 455 -31.05 31.66 3.93
N VAL A 456 -31.83 30.61 4.04
CA VAL A 456 -32.77 30.27 2.99
C VAL A 456 -33.75 31.40 2.66
N LEU A 457 -34.39 32.00 3.65
CA LEU A 457 -35.33 33.08 3.35
C LEU A 457 -34.61 34.27 2.70
N ASN A 458 -33.32 34.44 2.99
CA ASN A 458 -32.62 35.57 2.36
C ASN A 458 -32.51 35.31 0.86
N GLN A 459 -32.40 34.03 0.52
CA GLN A 459 -32.29 33.58 -0.86
C GLN A 459 -33.57 34.08 -1.55
N LEU A 460 -34.72 33.67 -1.00
CA LEU A 460 -36.03 34.10 -1.47
C LEU A 460 -36.04 35.61 -1.66
N CYS A 461 -35.59 36.34 -0.66
CA CYS A 461 -35.57 37.80 -0.75
C CYS A 461 -34.70 38.38 -1.83
N VAL A 462 -33.47 37.89 -2.01
CA VAL A 462 -32.63 38.46 -3.06
C VAL A 462 -33.13 38.04 -4.45
N LEU A 463 -33.58 36.80 -4.60
CA LEU A 463 -34.10 36.37 -5.90
C LEU A 463 -35.35 37.19 -6.26
N HIS A 464 -36.22 37.39 -5.28
CA HIS A 464 -37.46 38.16 -5.50
C HIS A 464 -37.22 39.63 -5.82
N GLU A 465 -36.25 40.25 -5.17
CA GLU A 465 -35.93 41.67 -5.38
C GLU A 465 -35.61 41.99 -6.85
N LYS A 466 -35.11 40.98 -7.57
CA LYS A 466 -34.76 41.11 -8.99
C LYS A 466 -35.99 41.52 -9.81
N THR A 467 -37.14 40.90 -9.50
CA THR A 467 -38.40 41.18 -10.20
C THR A 467 -39.52 41.06 -9.18
N PRO A 468 -39.81 42.17 -8.47
CA PRO A 468 -40.86 42.17 -7.45
C PRO A 468 -42.28 41.95 -7.96
N VAL A 469 -42.98 41.01 -7.33
CA VAL A 469 -44.36 40.70 -7.73
C VAL A 469 -45.29 40.53 -6.54
N SER A 470 -44.72 40.52 -5.35
CA SER A 470 -45.50 40.33 -4.14
C SER A 470 -45.16 41.35 -3.05
N ASP A 471 -46.07 42.27 -2.77
CA ASP A 471 -45.84 43.26 -1.73
C ASP A 471 -45.61 42.57 -0.40
N ARG A 472 -46.14 41.36 -0.26
CA ARG A 472 -46.00 40.63 0.98
C ARG A 472 -44.58 40.07 1.17
N VAL A 473 -43.91 39.76 0.07
CA VAL A 473 -42.56 39.27 0.16
C VAL A 473 -41.69 40.49 0.44
N THR A 474 -41.95 41.59 -0.27
CA THR A 474 -41.19 42.82 -0.09
C THR A 474 -41.22 43.32 1.35
N LYS A 475 -42.42 43.54 1.88
CA LYS A 475 -42.58 43.99 3.25
C LYS A 475 -41.79 43.12 4.24
N CYS A 476 -41.99 41.81 4.18
CA CYS A 476 -41.27 40.91 5.08
C CYS A 476 -39.75 40.89 4.86
N CYS A 477 -39.29 41.24 3.66
CA CYS A 477 -37.87 41.22 3.39
C CYS A 477 -37.15 42.51 3.79
N THR A 478 -37.86 43.63 3.75
CA THR A 478 -37.24 44.91 4.05
C THR A 478 -37.55 45.56 5.39
N GLU A 479 -38.57 45.07 6.08
CA GLU A 479 -38.98 45.66 7.35
C GLU A 479 -37.98 45.48 8.49
N SER A 480 -37.52 44.26 8.67
CA SER A 480 -36.56 43.96 9.71
C SER A 480 -35.73 42.76 9.33
N LEU A 481 -34.43 42.89 9.44
CA LEU A 481 -33.57 41.78 9.11
C LEU A 481 -33.84 40.60 10.06
N VAL A 482 -33.88 40.87 11.36
CA VAL A 482 -34.05 39.80 12.35
C VAL A 482 -35.45 39.19 12.48
N ASN A 483 -36.47 39.89 12.02
CA ASN A 483 -37.84 39.38 12.10
C ASN A 483 -38.40 38.72 10.83
N ARG A 484 -37.55 38.54 9.84
CA ARG A 484 -37.96 37.94 8.59
C ARG A 484 -38.67 36.63 8.76
N ARG A 485 -38.09 35.75 9.57
CA ARG A 485 -38.66 34.44 9.78
C ARG A 485 -40.04 34.56 10.46
N PRO A 486 -40.15 35.33 11.55
CA PRO A 486 -41.48 35.44 12.18
C PRO A 486 -42.50 36.09 11.24
N CYS A 487 -42.06 37.06 10.44
CA CYS A 487 -42.93 37.77 9.48
C CYS A 487 -43.53 36.76 8.49
N PHE A 488 -42.65 35.96 7.86
CA PHE A 488 -43.09 34.94 6.91
C PHE A 488 -44.00 33.87 7.55
N SER A 489 -43.67 33.43 8.76
CA SER A 489 -44.49 32.41 9.45
C SER A 489 -45.87 32.93 9.80
N ALA A 490 -45.98 34.24 10.00
CA ALA A 490 -47.25 34.82 10.37
C ALA A 490 -48.21 34.88 9.17
N LEU A 491 -47.67 34.81 7.96
CA LEU A 491 -48.51 34.87 6.79
C LEU A 491 -49.26 33.56 6.65
N GLU A 492 -50.50 33.65 6.20
CA GLU A 492 -51.34 32.47 6.05
C GLU A 492 -51.67 32.32 4.56
N VAL A 493 -52.78 32.89 4.10
CA VAL A 493 -53.09 32.80 2.68
C VAL A 493 -53.37 34.19 2.14
N ASP A 494 -52.87 34.47 0.94
CA ASP A 494 -53.09 35.78 0.36
C ASP A 494 -54.55 35.78 -0.10
N GLU A 495 -55.39 36.53 0.63
CA GLU A 495 -56.83 36.61 0.36
C GLU A 495 -57.24 37.44 -0.85
N THR A 496 -56.33 38.26 -1.36
CA THR A 496 -56.65 39.11 -2.51
C THR A 496 -56.19 38.48 -3.82
N TYR A 497 -55.54 37.33 -3.72
CA TYR A 497 -55.03 36.62 -4.88
C TYR A 497 -56.06 36.05 -5.84
N VAL A 498 -55.92 36.39 -7.12
CA VAL A 498 -56.84 35.88 -8.13
C VAL A 498 -56.25 34.62 -8.77
N PRO A 499 -56.95 33.49 -8.66
CA PRO A 499 -56.55 32.19 -9.20
C PRO A 499 -56.19 32.24 -10.67
N LYS A 500 -55.20 31.43 -11.04
CA LYS A 500 -54.70 31.35 -12.41
C LYS A 500 -55.55 30.44 -13.27
N GLU A 501 -55.47 30.63 -14.58
CA GLU A 501 -56.22 29.80 -15.53
C GLU A 501 -55.25 28.78 -16.16
N PHE A 502 -55.66 27.51 -16.18
CA PHE A 502 -54.88 26.41 -16.75
C PHE A 502 -54.23 26.66 -18.12
N ASN A 503 -53.09 26.01 -18.36
CA ASN A 503 -52.36 26.10 -19.63
C ASN A 503 -51.95 24.69 -20.02
N ALA A 504 -52.48 24.21 -21.15
CA ALA A 504 -52.16 22.86 -21.62
C ALA A 504 -50.69 22.49 -21.45
N GLU A 505 -49.81 23.36 -21.94
CA GLU A 505 -48.37 23.13 -21.87
C GLU A 505 -47.81 22.90 -20.47
N THR A 506 -48.32 23.63 -19.48
CA THR A 506 -47.86 23.53 -18.10
C THR A 506 -48.07 22.16 -17.44
N PHE A 507 -49.13 21.46 -17.82
CA PHE A 507 -49.40 20.18 -17.20
C PHE A 507 -49.29 18.98 -18.13
N THR A 508 -48.48 19.12 -19.18
CA THR A 508 -48.29 18.04 -20.15
C THR A 508 -46.96 17.32 -19.92
N PHE A 509 -47.05 16.14 -19.34
CA PHE A 509 -45.86 15.37 -19.07
C PHE A 509 -45.46 14.50 -20.25
N HIS A 510 -44.18 14.55 -20.57
CA HIS A 510 -43.67 13.80 -21.69
C HIS A 510 -42.79 12.67 -21.21
N ALA A 511 -42.28 11.92 -22.18
CA ALA A 511 -41.42 10.77 -21.92
C ALA A 511 -40.01 11.24 -21.53
N ASP A 512 -39.71 12.51 -21.80
CA ASP A 512 -38.39 13.06 -21.46
C ASP A 512 -38.18 13.15 -19.95
N ILE A 513 -39.21 12.87 -19.17
CA ILE A 513 -39.10 12.95 -17.72
C ILE A 513 -38.58 11.61 -17.21
N CYS A 514 -38.48 10.65 -18.12
CA CYS A 514 -38.03 9.31 -17.81
C CYS A 514 -36.51 9.24 -17.81
N THR A 515 -35.89 10.02 -18.70
CA THR A 515 -34.44 10.06 -18.76
C THR A 515 -33.90 10.79 -17.54
N LEU A 516 -34.62 11.82 -17.11
CA LEU A 516 -34.25 12.65 -15.96
C LEU A 516 -34.05 11.82 -14.69
N SER A 517 -33.04 12.18 -13.92
CA SER A 517 -32.72 11.48 -12.67
C SER A 517 -33.91 11.40 -11.73
N GLU A 518 -33.80 10.49 -10.76
CA GLU A 518 -34.83 10.28 -9.76
C GLU A 518 -35.27 11.58 -9.11
N LYS A 519 -34.32 12.45 -8.83
CA LYS A 519 -34.60 13.74 -8.21
C LYS A 519 -35.23 14.71 -9.21
N GLU A 520 -34.68 14.76 -10.41
CA GLU A 520 -35.20 15.65 -11.44
C GLU A 520 -36.68 15.36 -11.69
N ARG A 521 -37.14 14.21 -11.21
CA ARG A 521 -38.53 13.81 -11.36
C ARG A 521 -39.36 14.48 -10.27
N GLN A 522 -38.99 14.23 -9.02
CA GLN A 522 -39.67 14.82 -7.88
C GLN A 522 -39.80 16.31 -8.13
N ILE A 523 -38.73 16.91 -8.63
CA ILE A 523 -38.71 18.33 -8.92
C ILE A 523 -39.81 18.72 -9.88
N LYS A 524 -40.06 17.86 -10.87
CA LYS A 524 -41.09 18.10 -11.88
C LYS A 524 -42.46 17.97 -11.23
N LYS A 525 -42.60 16.95 -10.39
CA LYS A 525 -43.85 16.74 -9.70
C LYS A 525 -44.11 17.91 -8.74
N GLN A 526 -43.07 18.39 -8.08
CA GLN A 526 -43.21 19.51 -7.14
C GLN A 526 -43.55 20.79 -7.89
N THR A 527 -43.04 20.88 -9.12
CA THR A 527 -43.29 22.04 -9.96
C THR A 527 -44.76 22.03 -10.39
N ALA A 528 -45.31 20.83 -10.56
CA ALA A 528 -46.69 20.68 -10.96
C ALA A 528 -47.58 20.97 -9.77
N LEU A 529 -47.12 20.58 -8.58
CA LEU A 529 -47.90 20.83 -7.37
C LEU A 529 -48.04 22.33 -7.15
N VAL A 530 -46.97 23.08 -7.39
CA VAL A 530 -47.02 24.53 -7.23
C VAL A 530 -48.05 25.12 -8.19
N GLU A 531 -47.92 24.79 -9.47
CA GLU A 531 -48.85 25.29 -10.49
C GLU A 531 -50.28 24.96 -10.13
N LEU A 532 -50.49 23.77 -9.58
CA LEU A 532 -51.82 23.38 -9.15
C LEU A 532 -52.31 24.38 -8.10
N VAL A 533 -51.59 24.47 -6.99
CA VAL A 533 -51.95 25.37 -5.90
C VAL A 533 -52.23 26.79 -6.39
N LYS A 534 -51.47 27.28 -7.35
CA LYS A 534 -51.70 28.63 -7.84
C LYS A 534 -53.04 28.69 -8.58
N HIS A 535 -53.47 27.54 -9.09
CA HIS A 535 -54.71 27.46 -9.82
C HIS A 535 -55.90 27.20 -8.90
N LYS A 536 -55.63 26.58 -7.76
CA LYS A 536 -56.65 26.31 -6.77
C LYS A 536 -56.12 26.62 -5.37
N PRO A 537 -55.97 27.92 -5.06
CA PRO A 537 -55.49 28.37 -3.75
C PRO A 537 -56.33 27.76 -2.65
N LYS A 538 -57.64 27.90 -2.78
CA LYS A 538 -58.61 27.40 -1.80
C LYS A 538 -58.78 25.88 -1.74
N ALA A 539 -57.95 25.16 -2.47
CA ALA A 539 -58.00 23.69 -2.49
C ALA A 539 -57.44 23.18 -1.16
N THR A 540 -57.71 21.93 -0.81
CA THR A 540 -57.21 21.39 0.46
C THR A 540 -56.05 20.41 0.30
N LYS A 541 -55.34 20.16 1.40
CA LYS A 541 -54.22 19.23 1.38
C LYS A 541 -54.72 17.81 1.17
N GLU A 542 -56.03 17.62 1.31
CA GLU A 542 -56.64 16.31 1.13
C GLU A 542 -56.65 15.96 -0.36
N GLN A 543 -57.21 16.86 -1.16
CA GLN A 543 -57.31 16.69 -2.60
C GLN A 543 -55.94 16.65 -3.24
N LEU A 544 -55.09 17.60 -2.85
CA LEU A 544 -53.74 17.71 -3.40
C LEU A 544 -52.99 16.39 -3.37
N LYS A 545 -52.98 15.75 -2.20
CA LYS A 545 -52.31 14.47 -2.06
C LYS A 545 -52.92 13.45 -3.03
N ALA A 546 -54.24 13.31 -2.97
CA ALA A 546 -54.96 12.37 -3.84
C ALA A 546 -54.70 12.60 -5.32
N VAL A 547 -54.19 13.78 -5.65
CA VAL A 547 -53.88 14.13 -7.04
C VAL A 547 -52.43 13.84 -7.33
N MET A 548 -51.56 14.15 -6.37
CA MET A 548 -50.15 13.91 -6.53
C MET A 548 -49.90 12.45 -6.89
N ASP A 549 -50.47 11.55 -6.10
CA ASP A 549 -50.30 10.12 -6.32
C ASP A 549 -50.67 9.73 -7.75
N ASP A 550 -51.56 10.50 -8.38
CA ASP A 550 -51.95 10.22 -9.76
C ASP A 550 -50.74 10.44 -10.64
N PHE A 551 -50.20 11.65 -10.58
CA PHE A 551 -49.02 12.01 -11.38
C PHE A 551 -47.96 10.93 -11.31
N ALA A 552 -47.78 10.35 -10.13
CA ALA A 552 -46.79 9.30 -9.95
C ALA A 552 -47.08 8.19 -10.96
N ALA A 553 -48.35 7.82 -11.05
CA ALA A 553 -48.81 6.77 -11.96
C ALA A 553 -48.57 7.12 -13.42
N PHE A 554 -48.81 8.39 -13.75
CA PHE A 554 -48.63 8.85 -15.12
C PHE A 554 -47.19 8.66 -15.59
N VAL A 555 -46.26 8.77 -14.65
CA VAL A 555 -44.84 8.61 -14.97
C VAL A 555 -44.47 7.15 -15.23
N GLU A 556 -44.79 6.30 -14.26
CA GLU A 556 -44.50 4.86 -14.32
C GLU A 556 -45.07 4.16 -15.56
N LYS A 557 -46.30 4.53 -15.91
CA LYS A 557 -46.98 3.95 -17.08
C LYS A 557 -46.19 4.34 -18.33
N CYS A 558 -46.57 5.49 -18.86
CA CYS A 558 -45.98 6.12 -20.03
C CYS A 558 -44.49 5.75 -20.21
N CYS A 559 -43.69 6.06 -19.19
CA CYS A 559 -42.25 5.78 -19.21
C CYS A 559 -41.80 4.35 -19.50
N LYS A 560 -42.72 3.39 -19.37
CA LYS A 560 -42.39 1.98 -19.64
C LYS A 560 -43.61 1.36 -20.32
N ALA A 561 -43.81 1.73 -21.59
CA ALA A 561 -44.94 1.24 -22.36
C ALA A 561 -44.72 1.38 -23.86
N ASP A 562 -43.96 0.44 -24.42
CA ASP A 562 -43.66 0.41 -25.85
C ASP A 562 -43.20 1.77 -26.38
N ASP A 563 -43.03 1.85 -27.69
CA ASP A 563 -42.60 3.10 -28.33
C ASP A 563 -43.69 4.15 -28.18
N LYS A 564 -43.67 4.86 -27.06
CA LYS A 564 -44.67 5.88 -26.82
C LYS A 564 -44.14 7.21 -26.32
N GLU A 565 -44.19 8.21 -27.20
CA GLU A 565 -43.78 9.57 -26.87
C GLU A 565 -45.10 10.32 -27.00
N THR A 566 -46.12 9.57 -27.36
CA THR A 566 -47.45 10.12 -27.55
C THR A 566 -48.31 9.77 -26.33
N CYS A 567 -47.91 8.73 -25.60
CA CYS A 567 -48.60 8.29 -24.38
C CYS A 567 -48.69 9.57 -23.57
N PHE A 568 -47.62 10.35 -23.67
CA PHE A 568 -47.46 11.64 -23.02
C PHE A 568 -48.61 12.58 -23.35
N ALA A 569 -49.18 12.44 -24.54
CA ALA A 569 -50.32 13.27 -24.94
C ALA A 569 -51.61 12.51 -24.58
N GLU A 570 -51.58 11.19 -24.76
CA GLU A 570 -52.73 10.33 -24.46
C GLU A 570 -52.90 10.15 -22.96
N GLU A 571 -51.88 9.58 -22.31
CA GLU A 571 -51.89 9.36 -20.87
C GLU A 571 -52.03 10.71 -20.17
N GLY A 572 -51.48 11.75 -20.81
CA GLY A 572 -51.55 13.09 -20.25
C GLY A 572 -52.95 13.66 -20.34
N LYS A 573 -53.71 13.21 -21.34
CA LYS A 573 -55.08 13.65 -21.54
C LYS A 573 -55.94 13.13 -20.40
N LYS A 574 -55.81 11.84 -20.12
CA LYS A 574 -56.56 11.23 -19.03
C LYS A 574 -56.14 11.91 -17.73
N LEU A 575 -54.88 12.35 -17.69
CA LEU A 575 -54.37 13.04 -16.52
C LEU A 575 -55.09 14.37 -16.29
N VAL A 576 -54.96 15.30 -17.23
CA VAL A 576 -55.62 16.61 -17.09
C VAL A 576 -57.12 16.49 -16.89
N ALA A 577 -57.73 15.52 -17.58
CA ALA A 577 -59.17 15.28 -17.48
C ALA A 577 -59.56 15.02 -16.03
N ALA A 578 -58.86 14.08 -15.40
CA ALA A 578 -59.12 13.72 -14.01
C ALA A 578 -58.61 14.84 -13.09
N SER A 579 -57.62 15.58 -13.57
CA SER A 579 -57.05 16.69 -12.80
C SER A 579 -58.00 17.88 -12.73
N GLN A 580 -58.69 18.14 -13.84
CA GLN A 580 -59.65 19.23 -13.92
C GLN A 580 -60.90 18.90 -13.11
N ALA A 581 -61.11 17.61 -12.88
CA ALA A 581 -62.27 17.15 -12.12
C ALA A 581 -62.13 17.45 -10.63
N ALA A 582 -61.09 16.90 -10.00
CA ALA A 582 -60.88 17.12 -8.56
C ALA A 582 -60.88 18.59 -8.18
N SER B 5 1.84 -6.04 -2.04
CA SER B 5 2.30 -6.89 -0.91
C SER B 5 2.71 -8.28 -1.39
N GLU B 6 4.01 -8.53 -1.37
CA GLU B 6 4.55 -9.81 -1.83
C GLU B 6 4.26 -10.92 -0.83
N VAL B 7 4.32 -10.57 0.46
CA VAL B 7 4.04 -11.53 1.52
C VAL B 7 2.73 -12.25 1.22
N ALA B 8 1.78 -11.51 0.67
CA ALA B 8 0.48 -12.06 0.33
C ALA B 8 0.63 -13.08 -0.80
N HIS B 9 1.17 -12.62 -1.91
CA HIS B 9 1.39 -13.46 -3.09
C HIS B 9 2.03 -14.79 -2.67
N ARG B 10 2.93 -14.71 -1.70
CA ARG B 10 3.64 -15.90 -1.19
C ARG B 10 2.83 -16.72 -0.19
N PHE B 11 2.00 -16.04 0.60
CA PHE B 11 1.18 -16.75 1.58
C PHE B 11 0.09 -17.50 0.83
N LYS B 12 -0.47 -16.84 -0.19
CA LYS B 12 -1.54 -17.42 -0.99
C LYS B 12 -1.08 -18.63 -1.80
N ASP B 13 -0.11 -18.42 -2.68
CA ASP B 13 0.42 -19.49 -3.54
C ASP B 13 0.93 -20.69 -2.78
N LEU B 14 1.56 -20.46 -1.64
CA LEU B 14 2.11 -21.56 -0.87
C LEU B 14 1.13 -22.23 0.08
N GLY B 15 0.42 -21.44 0.87
CA GLY B 15 -0.50 -22.00 1.83
C GLY B 15 0.08 -21.78 3.22
N GLU B 16 -0.78 -21.72 4.23
CA GLU B 16 -0.34 -21.48 5.60
C GLU B 16 0.73 -22.45 6.11
N GLU B 17 0.60 -23.73 5.79
CA GLU B 17 1.56 -24.73 6.25
C GLU B 17 2.94 -24.56 5.59
N ASN B 18 2.99 -24.80 4.29
CA ASN B 18 4.25 -24.67 3.57
C ASN B 18 4.88 -23.33 3.88
N PHE B 19 4.03 -22.31 4.01
CA PHE B 19 4.52 -20.97 4.29
C PHE B 19 5.27 -20.94 5.62
N LYS B 20 4.61 -21.43 6.67
CA LYS B 20 5.23 -21.46 7.99
C LYS B 20 6.51 -22.29 8.01
N ALA B 21 6.52 -23.39 7.25
CA ALA B 21 7.70 -24.27 7.20
C ALA B 21 8.88 -23.59 6.51
N LEU B 22 8.62 -22.98 5.35
CA LEU B 22 9.67 -22.30 4.62
C LEU B 22 10.27 -21.14 5.43
N VAL B 23 9.42 -20.33 6.05
CA VAL B 23 9.93 -19.20 6.83
C VAL B 23 10.79 -19.65 8.00
N LEU B 24 10.40 -20.75 8.63
CA LEU B 24 11.15 -21.29 9.78
C LEU B 24 12.55 -21.73 9.37
N ILE B 25 12.64 -22.41 8.22
CA ILE B 25 13.90 -22.90 7.67
C ILE B 25 14.80 -21.75 7.31
N ALA B 26 14.22 -20.68 6.78
CA ALA B 26 14.98 -19.50 6.39
C ALA B 26 15.68 -18.92 7.61
N PHE B 27 14.93 -18.78 8.69
CA PHE B 27 15.47 -18.23 9.92
C PHE B 27 16.52 -19.12 10.55
N ALA B 28 16.29 -20.44 10.53
CA ALA B 28 17.24 -21.37 11.12
C ALA B 28 18.55 -21.40 10.32
N GLN B 29 18.50 -20.93 9.08
CA GLN B 29 19.69 -20.93 8.24
C GLN B 29 20.47 -19.61 8.36
N TYR B 30 19.77 -18.54 8.73
CA TYR B 30 20.40 -17.24 8.92
C TYR B 30 21.01 -17.08 10.31
N LEU B 31 20.37 -17.67 11.30
CA LEU B 31 20.86 -17.59 12.68
C LEU B 31 20.88 -19.01 13.25
N GLN B 32 21.89 -19.76 12.84
CA GLN B 32 22.08 -21.16 13.23
C GLN B 32 22.31 -21.42 14.71
N GLN B 33 22.80 -20.42 15.43
CA GLN B 33 23.11 -20.60 16.85
C GLN B 33 21.97 -20.28 17.83
N CYS B 34 20.94 -19.57 17.38
CA CYS B 34 19.81 -19.22 18.25
C CYS B 34 18.92 -20.42 18.61
N PRO B 35 18.15 -20.29 19.71
CA PRO B 35 17.25 -21.34 20.19
C PRO B 35 16.00 -21.56 19.34
N PHE B 36 15.45 -22.77 19.43
CA PHE B 36 14.25 -23.15 18.69
C PHE B 36 13.05 -22.33 19.15
N GLU B 37 12.91 -22.14 20.47
CA GLU B 37 11.82 -21.37 21.03
C GLU B 37 11.78 -19.96 20.43
N ASP B 38 12.94 -19.30 20.44
CA ASP B 38 13.08 -17.96 19.90
C ASP B 38 12.72 -17.86 18.41
N HIS B 39 13.02 -18.92 17.66
CA HIS B 39 12.75 -18.92 16.24
C HIS B 39 11.25 -19.05 15.94
N VAL B 40 10.63 -20.08 16.49
CA VAL B 40 9.19 -20.30 16.28
C VAL B 40 8.42 -19.03 16.64
N LYS B 41 8.86 -18.37 17.70
CA LYS B 41 8.21 -17.14 18.12
C LYS B 41 8.20 -16.15 16.96
N LEU B 42 9.37 -15.94 16.35
CA LEU B 42 9.47 -15.01 15.23
C LEU B 42 8.68 -15.47 14.01
N VAL B 43 8.63 -16.77 13.78
CA VAL B 43 7.90 -17.30 12.64
C VAL B 43 6.41 -16.96 12.75
N ASN B 44 5.78 -17.34 13.86
CA ASN B 44 4.37 -17.07 14.06
C ASN B 44 4.03 -15.58 13.95
N GLU B 45 4.82 -14.71 14.57
CA GLU B 45 4.58 -13.28 14.48
C GLU B 45 4.58 -12.86 13.01
N VAL B 46 5.46 -13.49 12.23
CA VAL B 46 5.55 -13.20 10.80
C VAL B 46 4.25 -13.65 10.12
N THR B 47 3.79 -14.84 10.48
CA THR B 47 2.58 -15.39 9.89
C THR B 47 1.37 -14.53 10.27
N GLU B 48 1.31 -14.15 11.56
CA GLU B 48 0.22 -13.33 12.07
C GLU B 48 0.25 -11.96 11.39
N PHE B 49 1.36 -11.68 10.70
CA PHE B 49 1.51 -10.43 9.99
C PHE B 49 1.18 -10.69 8.52
N ALA B 50 1.34 -11.94 8.12
CA ALA B 50 1.10 -12.34 6.75
C ALA B 50 -0.38 -12.25 6.43
N LYS B 51 -1.20 -12.73 7.36
CA LYS B 51 -2.64 -12.73 7.19
C LYS B 51 -3.23 -11.32 7.08
N THR B 52 -2.81 -10.43 7.97
CA THR B 52 -3.30 -9.06 7.97
C THR B 52 -2.90 -8.32 6.69
N CYS B 53 -2.24 -9.03 5.79
CA CYS B 53 -1.79 -8.45 4.52
C CYS B 53 -2.48 -9.13 3.34
N VAL B 54 -2.76 -10.41 3.48
CA VAL B 54 -3.40 -11.20 2.43
C VAL B 54 -4.59 -10.50 1.77
N ALA B 55 -5.74 -10.59 2.42
CA ALA B 55 -6.95 -9.95 1.89
C ALA B 55 -6.86 -8.46 2.18
N ASP B 56 -6.47 -8.12 3.41
CA ASP B 56 -6.33 -6.74 3.84
C ASP B 56 -5.10 -6.14 3.18
N GLU B 57 -5.29 -5.57 2.00
CA GLU B 57 -4.19 -4.97 1.25
C GLU B 57 -3.48 -3.87 2.04
N SER B 58 -2.77 -3.01 1.33
CA SER B 58 -2.02 -1.89 1.89
C SER B 58 -2.26 -1.65 3.38
N ALA B 59 -1.57 -2.39 4.23
CA ALA B 59 -1.73 -2.22 5.67
C ALA B 59 -0.50 -1.50 6.24
N GLU B 60 -0.09 -1.91 7.44
CA GLU B 60 1.07 -1.32 8.10
C GLU B 60 2.31 -1.30 7.22
N ASN B 61 2.94 -2.47 7.05
CA ASN B 61 4.15 -2.57 6.24
C ASN B 61 4.00 -3.63 5.15
N CYS B 62 2.77 -3.92 4.76
CA CYS B 62 2.55 -4.92 3.72
C CYS B 62 3.13 -4.50 2.38
N ASP B 63 3.75 -3.33 2.33
CA ASP B 63 4.33 -2.83 1.09
C ASP B 63 5.81 -3.14 1.02
N LYS B 64 6.41 -3.39 2.17
CA LYS B 64 7.83 -3.70 2.25
C LYS B 64 8.16 -5.00 1.52
N SER B 65 9.45 -5.33 1.48
CA SER B 65 9.93 -6.54 0.81
C SER B 65 10.26 -7.61 1.82
N LEU B 66 10.31 -8.86 1.35
CA LEU B 66 10.63 -9.99 2.22
C LEU B 66 11.93 -9.75 3.00
N HIS B 67 13.01 -9.47 2.29
CA HIS B 67 14.30 -9.22 2.95
C HIS B 67 14.18 -8.23 4.11
N THR B 68 13.52 -7.11 3.85
CA THR B 68 13.35 -6.09 4.87
C THR B 68 12.62 -6.70 6.07
N LEU B 69 11.40 -7.15 5.84
CA LEU B 69 10.58 -7.75 6.90
C LEU B 69 11.34 -8.78 7.70
N PHE B 70 11.83 -9.82 7.02
CA PHE B 70 12.56 -10.89 7.68
C PHE B 70 13.81 -10.36 8.38
N GLY B 71 14.43 -9.35 7.79
CA GLY B 71 15.64 -8.78 8.37
C GLY B 71 15.39 -8.13 9.72
N ASP B 72 14.38 -7.28 9.78
CA ASP B 72 14.05 -6.59 11.03
C ASP B 72 13.70 -7.59 12.12
N LYS B 73 12.91 -8.60 11.78
CA LYS B 73 12.50 -9.60 12.75
C LYS B 73 13.71 -10.21 13.45
N LEU B 74 14.63 -10.77 12.67
CA LEU B 74 15.82 -11.40 13.22
C LEU B 74 16.64 -10.46 14.09
N CYS B 75 16.79 -9.21 13.63
CA CYS B 75 17.56 -8.21 14.35
C CYS B 75 17.01 -7.84 15.73
N THR B 76 15.95 -8.53 16.15
CA THR B 76 15.38 -8.27 17.47
C THR B 76 16.07 -9.19 18.47
N ASP B 89 26.79 -6.48 13.71
CA ASP B 89 27.38 -5.92 12.50
C ASP B 89 26.34 -5.88 11.39
N CYS B 90 25.85 -7.07 11.03
CA CYS B 90 24.87 -7.22 9.98
C CYS B 90 23.66 -6.32 10.09
N CYS B 91 23.06 -6.27 11.27
CA CYS B 91 21.88 -5.46 11.49
C CYS B 91 22.17 -3.97 11.38
N ALA B 92 23.35 -3.56 11.83
CA ALA B 92 23.75 -2.17 11.77
C ALA B 92 23.64 -1.66 10.32
N LYS B 93 23.60 -2.59 9.37
CA LYS B 93 23.49 -2.24 7.97
C LYS B 93 22.04 -2.18 7.50
N GLN B 94 21.86 -1.96 6.20
CA GLN B 94 20.54 -1.87 5.58
C GLN B 94 20.55 -2.65 4.30
N GLU B 95 19.38 -3.16 3.93
CA GLU B 95 19.31 -3.96 2.69
C GLU B 95 19.79 -3.17 1.49
N PRO B 96 20.49 -3.84 0.58
CA PRO B 96 20.85 -5.27 0.59
C PRO B 96 22.08 -5.54 1.45
N GLU B 97 22.74 -4.48 1.92
CA GLU B 97 23.93 -4.67 2.76
C GLU B 97 23.62 -5.59 3.92
N ARG B 98 22.54 -5.30 4.62
CA ARG B 98 22.11 -6.11 5.76
C ARG B 98 21.94 -7.58 5.36
N ASN B 99 21.17 -7.83 4.31
CA ASN B 99 20.91 -9.19 3.84
C ASN B 99 22.14 -10.03 3.51
N GLU B 100 22.86 -9.67 2.45
CA GLU B 100 24.03 -10.46 2.11
C GLU B 100 25.05 -10.51 3.23
N CYS B 101 24.81 -9.74 4.28
CA CYS B 101 25.71 -9.76 5.43
C CYS B 101 25.40 -11.06 6.16
N PHE B 102 24.13 -11.45 6.11
CA PHE B 102 23.68 -12.68 6.75
C PHE B 102 24.16 -13.86 5.89
N LEU B 103 23.91 -13.77 4.59
CA LEU B 103 24.31 -14.83 3.66
C LEU B 103 25.78 -15.17 3.78
N GLN B 104 26.64 -14.15 3.69
CA GLN B 104 28.08 -14.33 3.78
C GLN B 104 28.50 -14.66 5.19
N HIS B 105 27.54 -15.06 6.01
CA HIS B 105 27.83 -15.41 7.40
C HIS B 105 27.36 -16.80 7.78
N LYS B 106 26.79 -17.52 6.83
CA LYS B 106 26.33 -18.87 7.08
C LYS B 106 27.53 -19.73 7.38
N ASP B 107 27.38 -20.67 8.30
CA ASP B 107 28.49 -21.53 8.66
C ASP B 107 28.26 -22.95 8.17
N ASP B 108 29.12 -23.42 7.26
CA ASP B 108 29.01 -24.76 6.72
C ASP B 108 29.37 -25.84 7.74
N ASN B 109 30.20 -25.49 8.72
CA ASN B 109 30.59 -26.47 9.74
C ASN B 109 30.36 -25.88 11.14
N PRO B 110 29.09 -25.59 11.47
CA PRO B 110 28.74 -25.02 12.78
C PRO B 110 29.18 -25.89 13.94
N ASN B 111 29.44 -25.26 15.08
CA ASN B 111 29.85 -26.01 16.26
C ASN B 111 28.63 -26.24 17.14
N LEU B 112 27.80 -27.20 16.76
CA LEU B 112 26.63 -27.53 17.55
C LEU B 112 26.77 -28.95 18.07
N PRO B 113 26.13 -29.25 19.20
CA PRO B 113 26.17 -30.58 19.82
C PRO B 113 25.68 -31.60 18.79
N ARG B 114 26.33 -32.77 18.69
CA ARG B 114 25.87 -33.80 17.74
C ARG B 114 24.42 -34.13 18.09
N LEU B 115 23.69 -34.64 17.10
CA LEU B 115 22.30 -34.99 17.26
C LEU B 115 22.12 -36.45 17.60
N VAL B 116 21.73 -36.71 18.85
CA VAL B 116 21.52 -38.06 19.35
C VAL B 116 20.05 -38.43 19.28
N ARG B 117 19.78 -39.60 18.71
CA ARG B 117 18.41 -40.09 18.58
C ARG B 117 18.05 -40.95 19.78
N PRO B 118 17.21 -40.42 20.69
CA PRO B 118 16.80 -41.16 21.89
C PRO B 118 16.12 -42.48 21.56
N GLU B 119 15.55 -43.12 22.58
CA GLU B 119 14.88 -44.39 22.39
C GLU B 119 13.61 -44.25 21.56
N VAL B 120 13.26 -45.30 20.82
CA VAL B 120 12.07 -45.29 19.99
C VAL B 120 10.84 -44.84 20.76
N ASP B 121 10.85 -45.09 22.06
CA ASP B 121 9.72 -44.71 22.91
C ASP B 121 9.69 -43.22 23.18
N VAL B 122 10.80 -42.68 23.66
CA VAL B 122 10.89 -41.26 23.97
C VAL B 122 10.31 -40.47 22.80
N MET B 123 10.80 -40.77 21.60
CA MET B 123 10.37 -40.09 20.38
C MET B 123 8.88 -40.27 20.08
N CYS B 124 8.40 -41.51 20.07
CA CYS B 124 7.00 -41.75 19.80
C CYS B 124 6.15 -40.94 20.78
N THR B 125 6.59 -40.92 22.04
CA THR B 125 5.88 -40.17 23.06
C THR B 125 5.82 -38.71 22.63
N ALA B 126 6.98 -38.13 22.42
CA ALA B 126 7.08 -36.73 22.01
C ALA B 126 6.26 -36.47 20.75
N PHE B 127 6.28 -37.42 19.84
CA PHE B 127 5.58 -37.27 18.59
C PHE B 127 4.08 -37.12 18.80
N HIS B 128 3.53 -37.84 19.77
CA HIS B 128 2.10 -37.77 20.04
C HIS B 128 1.70 -36.63 20.96
N ASP B 129 2.53 -36.30 21.93
CA ASP B 129 2.21 -35.21 22.84
C ASP B 129 1.97 -33.95 22.02
N ASN B 130 2.97 -33.55 21.24
CA ASN B 130 2.87 -32.36 20.40
C ASN B 130 3.63 -32.64 19.11
N GLU B 131 2.94 -33.20 18.12
CA GLU B 131 3.57 -33.52 16.86
C GLU B 131 3.73 -32.30 15.98
N GLU B 132 3.10 -31.21 16.34
CA GLU B 132 3.22 -30.00 15.55
C GLU B 132 4.57 -29.38 15.87
N THR B 133 5.00 -29.50 17.13
CA THR B 133 6.28 -28.98 17.56
C THR B 133 7.39 -29.99 17.27
N PHE B 134 6.98 -31.24 17.10
CA PHE B 134 7.91 -32.33 16.83
C PHE B 134 8.53 -32.17 15.43
N LEU B 135 7.68 -31.89 14.44
CA LEU B 135 8.14 -31.72 13.08
C LEU B 135 8.84 -30.38 12.90
N LYS B 136 8.37 -29.35 13.61
CA LYS B 136 9.01 -28.05 13.51
C LYS B 136 10.43 -28.18 14.04
N LYS B 137 10.63 -29.09 14.99
CA LYS B 137 11.96 -29.29 15.55
C LYS B 137 12.87 -29.98 14.54
N TYR B 138 12.28 -30.87 13.75
CA TYR B 138 13.03 -31.58 12.72
C TYR B 138 13.60 -30.53 11.75
N LEU B 139 12.74 -29.73 11.14
CA LEU B 139 13.18 -28.70 10.22
C LEU B 139 14.24 -27.76 10.81
N TYR B 140 13.95 -27.19 11.97
CA TYR B 140 14.90 -26.30 12.61
C TYR B 140 16.27 -26.97 12.78
N GLU B 141 16.25 -28.17 13.34
CA GLU B 141 17.49 -28.92 13.60
C GLU B 141 18.26 -29.32 12.34
N ILE B 142 17.56 -29.49 11.23
CA ILE B 142 18.22 -29.86 9.98
C ILE B 142 18.67 -28.60 9.26
N ALA B 143 17.81 -27.59 9.25
CA ALA B 143 18.10 -26.33 8.57
C ALA B 143 19.33 -25.57 9.06
N ARG B 144 19.56 -25.57 10.37
CA ARG B 144 20.71 -24.84 10.90
C ARG B 144 22.06 -25.57 10.78
N ARG B 145 22.02 -26.88 10.64
CA ARG B 145 23.23 -27.66 10.48
C ARG B 145 23.57 -27.78 8.99
N HIS B 146 22.62 -27.37 8.15
CA HIS B 146 22.77 -27.43 6.69
C HIS B 146 22.17 -26.17 6.11
N PRO B 147 22.82 -25.02 6.34
CA PRO B 147 22.38 -23.72 5.86
C PRO B 147 22.07 -23.58 4.38
N TYR B 148 22.43 -24.57 3.57
CA TYR B 148 22.18 -24.51 2.13
C TYR B 148 21.23 -25.59 1.64
N PHE B 149 20.65 -26.34 2.58
CA PHE B 149 19.73 -27.41 2.21
C PHE B 149 18.65 -26.87 1.27
N TYR B 150 18.35 -27.61 0.21
CA TYR B 150 17.35 -27.23 -0.78
C TYR B 150 15.94 -27.23 -0.13
N ALA B 151 15.49 -26.04 0.26
CA ALA B 151 14.21 -25.82 0.95
C ALA B 151 13.02 -26.71 0.57
N PRO B 152 12.52 -26.61 -0.67
CA PRO B 152 11.39 -27.43 -1.11
C PRO B 152 11.60 -28.91 -0.86
N GLU B 153 12.82 -29.39 -1.08
CA GLU B 153 13.13 -30.79 -0.88
C GLU B 153 13.07 -31.17 0.59
N LEU B 154 13.38 -30.22 1.47
CA LEU B 154 13.37 -30.46 2.90
C LEU B 154 11.91 -30.62 3.36
N LEU B 155 10.99 -29.98 2.65
CA LEU B 155 9.58 -30.11 2.99
C LEU B 155 9.14 -31.53 2.70
N PHE B 156 9.64 -32.05 1.59
CA PHE B 156 9.33 -33.43 1.18
C PHE B 156 9.93 -34.40 2.19
N PHE B 157 11.10 -34.09 2.73
CA PHE B 157 11.73 -34.97 3.72
C PHE B 157 10.94 -34.97 5.02
N ALA B 158 10.43 -33.81 5.38
CA ALA B 158 9.64 -33.66 6.60
C ALA B 158 8.40 -34.55 6.50
N LYS B 159 7.79 -34.56 5.32
CA LYS B 159 6.61 -35.38 5.08
C LYS B 159 6.96 -36.85 5.27
N ARG B 160 8.04 -37.31 4.66
CA ARG B 160 8.45 -38.69 4.82
C ARG B 160 8.75 -38.96 6.29
N TYR B 161 9.38 -37.98 6.94
CA TYR B 161 9.72 -38.10 8.35
C TYR B 161 8.47 -38.38 9.17
N LYS B 162 7.42 -37.59 8.93
CA LYS B 162 6.15 -37.76 9.63
C LYS B 162 5.59 -39.15 9.43
N ALA B 163 5.38 -39.52 8.17
CA ALA B 163 4.82 -40.83 7.82
C ALA B 163 5.66 -41.98 8.37
N ALA B 164 6.83 -41.65 8.92
CA ALA B 164 7.69 -42.67 9.49
C ALA B 164 7.19 -42.97 10.89
N PHE B 165 7.00 -41.91 11.69
CA PHE B 165 6.52 -42.07 13.06
C PHE B 165 5.09 -42.57 13.13
N THR B 166 4.23 -42.04 12.25
CA THR B 166 2.85 -42.46 12.20
C THR B 166 2.77 -43.98 12.04
N GLU B 167 3.49 -44.50 11.05
CA GLU B 167 3.53 -45.92 10.76
C GLU B 167 4.09 -46.76 11.91
N CYS B 168 5.34 -46.48 12.28
CA CYS B 168 6.03 -47.21 13.33
C CYS B 168 5.60 -47.09 14.79
N CYS B 169 5.12 -45.91 15.21
CA CYS B 169 4.73 -45.72 16.62
C CYS B 169 3.49 -46.50 17.07
N GLN B 170 2.98 -47.37 16.21
CA GLN B 170 1.81 -48.19 16.49
C GLN B 170 2.10 -49.60 15.98
N ALA B 171 3.35 -50.03 16.15
CA ALA B 171 3.79 -51.35 15.70
C ALA B 171 4.29 -52.20 16.87
N ALA B 172 4.07 -53.50 16.77
CA ALA B 172 4.49 -54.44 17.81
C ALA B 172 5.93 -54.11 18.22
N ASP B 173 6.78 -53.94 17.22
CA ASP B 173 8.18 -53.61 17.44
C ASP B 173 8.47 -52.29 16.76
N LYS B 174 8.08 -51.19 17.42
CA LYS B 174 8.28 -49.85 16.88
C LYS B 174 9.73 -49.60 16.53
N ALA B 175 10.64 -50.08 17.37
CA ALA B 175 12.06 -49.89 17.15
C ALA B 175 12.51 -50.45 15.78
N ALA B 176 12.37 -51.76 15.61
CA ALA B 176 12.77 -52.43 14.38
C ALA B 176 12.12 -51.84 13.14
N CYS B 177 11.10 -51.01 13.34
CA CYS B 177 10.37 -50.38 12.24
C CYS B 177 10.86 -48.96 11.93
N LEU B 178 11.19 -48.20 12.96
CA LEU B 178 11.64 -46.82 12.78
C LEU B 178 13.13 -46.67 12.44
N LEU B 179 13.98 -47.29 13.24
CA LEU B 179 15.43 -47.22 13.03
C LEU B 179 15.82 -47.32 11.55
N PRO B 180 15.37 -48.38 10.85
CA PRO B 180 15.70 -48.53 9.43
C PRO B 180 15.18 -47.39 8.57
N LYS B 181 13.97 -46.93 8.88
CA LYS B 181 13.35 -45.83 8.14
C LYS B 181 14.05 -44.51 8.42
N LEU B 182 14.42 -44.29 9.67
CA LEU B 182 15.11 -43.06 10.07
C LEU B 182 16.53 -43.00 9.53
N ASP B 183 17.18 -44.15 9.42
CA ASP B 183 18.54 -44.23 8.90
C ASP B 183 18.57 -43.88 7.41
N GLU B 184 17.71 -44.50 6.63
CA GLU B 184 17.65 -44.26 5.19
C GLU B 184 17.30 -42.81 4.88
N LEU B 185 16.81 -42.08 5.87
CA LEU B 185 16.49 -40.68 5.67
C LEU B 185 17.67 -39.80 6.03
N ARG B 186 18.44 -40.22 7.03
CA ARG B 186 19.62 -39.47 7.45
C ARG B 186 20.61 -39.41 6.27
N ASP B 187 20.89 -40.58 5.70
CA ASP B 187 21.81 -40.69 4.57
C ASP B 187 21.35 -39.86 3.35
N GLU B 188 20.20 -40.22 2.80
CA GLU B 188 19.63 -39.55 1.64
C GLU B 188 19.58 -38.04 1.85
N GLY B 189 19.36 -37.63 3.08
CA GLY B 189 19.31 -36.21 3.37
C GLY B 189 20.70 -35.61 3.27
N LYS B 190 21.69 -36.36 3.73
CA LYS B 190 23.07 -35.91 3.67
C LYS B 190 23.54 -35.79 2.22
N ALA B 191 23.14 -36.76 1.40
CA ALA B 191 23.51 -36.76 -0.01
C ALA B 191 22.86 -35.56 -0.66
N SER B 192 21.61 -35.34 -0.28
CA SER B 192 20.81 -34.23 -0.81
C SER B 192 21.44 -32.89 -0.47
N SER B 193 21.87 -32.75 0.78
CA SER B 193 22.50 -31.52 1.23
C SER B 193 23.77 -31.23 0.40
N ALA B 194 24.53 -32.28 0.12
CA ALA B 194 25.78 -32.18 -0.66
C ALA B 194 25.56 -31.72 -2.11
N LYS B 195 24.64 -32.38 -2.82
CA LYS B 195 24.33 -32.00 -4.21
C LYS B 195 23.93 -30.54 -4.26
N GLN B 196 23.17 -30.09 -3.27
CA GLN B 196 22.72 -28.70 -3.30
C GLN B 196 23.89 -27.77 -3.02
N ARG B 197 24.74 -28.14 -2.07
CA ARG B 197 25.90 -27.28 -1.73
C ARG B 197 26.75 -27.04 -2.98
N LEU B 198 26.84 -28.05 -3.83
CA LEU B 198 27.57 -27.92 -5.08
C LEU B 198 26.88 -26.91 -6.02
N LYS B 199 25.55 -26.96 -6.09
CA LYS B 199 24.82 -26.03 -6.96
C LYS B 199 25.04 -24.61 -6.47
N CYS B 200 24.97 -24.43 -5.16
CA CYS B 200 25.16 -23.08 -4.63
C CYS B 200 26.62 -22.63 -4.81
N ALA B 201 27.58 -23.52 -4.61
CA ALA B 201 28.99 -23.11 -4.82
C ALA B 201 29.18 -22.69 -6.29
N SER B 202 28.65 -23.49 -7.21
CA SER B 202 28.80 -23.19 -8.62
C SER B 202 28.29 -21.79 -8.96
N LEU B 203 27.06 -21.52 -8.54
CA LEU B 203 26.44 -20.22 -8.79
C LEU B 203 27.19 -19.07 -8.13
N GLN B 204 27.56 -19.24 -6.86
CA GLN B 204 28.23 -18.19 -6.13
C GLN B 204 29.71 -17.94 -6.45
N LYS B 205 30.49 -18.99 -6.65
CA LYS B 205 31.91 -18.80 -6.93
C LYS B 205 32.23 -18.73 -8.43
N PHE B 206 31.59 -19.56 -9.23
CA PHE B 206 31.84 -19.59 -10.66
C PHE B 206 30.88 -18.82 -11.55
N GLY B 207 29.71 -18.46 -11.06
CA GLY B 207 28.80 -17.70 -11.91
C GLY B 207 27.70 -18.46 -12.65
N GLU B 208 26.71 -17.69 -13.06
CA GLU B 208 25.54 -18.21 -13.77
C GLU B 208 25.91 -19.05 -14.99
N ARG B 209 26.83 -18.54 -15.79
CA ARG B 209 27.21 -19.26 -16.99
C ARG B 209 27.73 -20.66 -16.66
N ALA B 210 28.28 -20.84 -15.47
CA ALA B 210 28.78 -22.17 -15.11
C ALA B 210 27.63 -23.09 -14.75
N PHE B 211 26.64 -22.58 -14.04
CA PHE B 211 25.50 -23.42 -13.67
C PHE B 211 24.69 -23.80 -14.90
N LYS B 212 24.45 -22.83 -15.79
CA LYS B 212 23.68 -23.10 -17.00
C LYS B 212 24.32 -24.20 -17.82
N ALA B 213 25.65 -24.17 -17.95
CA ALA B 213 26.34 -25.18 -18.73
C ALA B 213 26.15 -26.55 -18.09
N TRP B 214 26.30 -26.62 -16.78
CA TRP B 214 26.08 -27.88 -16.08
C TRP B 214 24.62 -28.34 -16.36
N ALA B 215 23.68 -27.41 -16.30
CA ALA B 215 22.25 -27.69 -16.54
C ALA B 215 21.97 -28.25 -17.94
N VAL B 216 22.40 -27.51 -18.97
CA VAL B 216 22.19 -27.95 -20.34
C VAL B 216 22.62 -29.40 -20.50
N ALA B 217 23.86 -29.68 -20.09
CA ALA B 217 24.40 -31.03 -20.22
C ALA B 217 23.60 -32.05 -19.44
N ARG B 218 23.28 -31.75 -18.18
CA ARG B 218 22.54 -32.69 -17.38
C ARG B 218 21.11 -32.95 -17.90
N LEU B 219 20.40 -31.88 -18.30
CA LEU B 219 19.04 -32.06 -18.79
C LEU B 219 19.03 -32.68 -20.19
N SER B 220 20.06 -32.42 -21.00
CA SER B 220 20.13 -33.01 -22.32
C SER B 220 20.32 -34.52 -22.22
N GLN B 221 21.01 -34.98 -21.18
CA GLN B 221 21.21 -36.42 -21.00
C GLN B 221 19.90 -37.07 -20.55
N ARG B 222 19.14 -36.34 -19.74
CA ARG B 222 17.89 -36.81 -19.17
C ARG B 222 16.71 -36.75 -20.15
N PHE B 223 16.67 -35.70 -20.95
CA PHE B 223 15.61 -35.51 -21.92
C PHE B 223 16.20 -35.49 -23.33
N PRO B 224 16.78 -36.62 -23.76
CA PRO B 224 17.39 -36.70 -25.09
C PRO B 224 16.46 -36.47 -26.28
N LYS B 225 15.16 -36.40 -26.04
CA LYS B 225 14.20 -36.20 -27.12
C LYS B 225 13.77 -34.75 -27.24
N ALA B 226 13.96 -33.97 -26.19
CA ALA B 226 13.57 -32.57 -26.22
C ALA B 226 14.45 -31.73 -27.14
N GLU B 227 13.82 -30.76 -27.78
CA GLU B 227 14.50 -29.86 -28.70
C GLU B 227 15.35 -28.87 -27.90
N PHE B 228 16.44 -28.40 -28.51
CA PHE B 228 17.34 -27.47 -27.85
C PHE B 228 16.64 -26.23 -27.28
N ALA B 229 15.57 -25.79 -27.93
CA ALA B 229 14.86 -24.61 -27.45
C ALA B 229 14.09 -24.92 -26.16
N GLU B 230 13.66 -26.18 -26.02
CA GLU B 230 12.91 -26.58 -24.83
C GLU B 230 13.89 -26.66 -23.66
N VAL B 231 14.94 -27.46 -23.81
CA VAL B 231 15.95 -27.60 -22.77
C VAL B 231 16.42 -26.23 -22.31
N SER B 232 16.67 -25.32 -23.25
CA SER B 232 17.12 -23.97 -22.89
C SER B 232 16.09 -23.32 -21.98
N LYS B 233 14.82 -23.50 -22.33
CA LYS B 233 13.70 -22.94 -21.56
C LYS B 233 13.74 -23.52 -20.15
N LEU B 234 13.91 -24.84 -20.08
CA LEU B 234 13.98 -25.52 -18.80
C LEU B 234 15.15 -25.01 -17.97
N VAL B 235 16.32 -24.92 -18.60
CA VAL B 235 17.52 -24.44 -17.93
C VAL B 235 17.34 -23.05 -17.32
N THR B 236 16.82 -22.12 -18.11
CA THR B 236 16.61 -20.77 -17.61
C THR B 236 15.75 -20.74 -16.33
N ASP B 237 14.72 -21.58 -16.30
CA ASP B 237 13.86 -21.61 -15.12
C ASP B 237 14.55 -22.29 -13.97
N LEU B 238 15.16 -23.43 -14.26
CA LEU B 238 15.88 -24.14 -13.23
C LEU B 238 16.93 -23.22 -12.61
N THR B 239 17.58 -22.40 -13.43
CA THR B 239 18.60 -21.50 -12.93
C THR B 239 18.02 -20.45 -11.97
N LYS B 240 16.81 -19.98 -12.27
CA LYS B 240 16.15 -18.98 -11.41
C LYS B 240 15.82 -19.59 -10.04
N VAL B 241 15.30 -20.81 -10.05
CA VAL B 241 14.94 -21.50 -8.81
C VAL B 241 16.13 -21.62 -7.85
N HIS B 242 17.21 -22.23 -8.34
CA HIS B 242 18.38 -22.41 -7.50
C HIS B 242 19.06 -21.12 -7.14
N THR B 243 18.95 -20.13 -8.02
CA THR B 243 19.53 -18.84 -7.71
C THR B 243 18.78 -18.29 -6.49
N GLU B 244 17.46 -18.44 -6.48
CA GLU B 244 16.68 -17.93 -5.36
C GLU B 244 16.93 -18.71 -4.09
N CYS B 245 16.88 -20.04 -4.19
CA CYS B 245 17.13 -20.85 -3.01
C CYS B 245 18.53 -20.57 -2.43
N CYS B 246 19.57 -20.68 -3.25
CA CYS B 246 20.92 -20.43 -2.78
C CYS B 246 21.16 -19.04 -2.17
N HIS B 247 20.41 -18.04 -2.61
CA HIS B 247 20.56 -16.67 -2.07
C HIS B 247 19.70 -16.36 -0.84
N GLY B 248 18.82 -17.29 -0.47
CA GLY B 248 17.97 -17.06 0.70
C GLY B 248 16.50 -16.74 0.41
N ASP B 249 16.16 -16.51 -0.85
CA ASP B 249 14.79 -16.20 -1.24
C ASP B 249 14.04 -17.52 -1.33
N LEU B 250 13.86 -18.15 -0.16
CA LEU B 250 13.22 -19.47 -0.08
C LEU B 250 11.76 -19.59 -0.51
N LEU B 251 10.95 -18.56 -0.26
CA LEU B 251 9.54 -18.64 -0.66
C LEU B 251 9.46 -18.60 -2.17
N GLU B 252 10.19 -17.68 -2.79
CA GLU B 252 10.20 -17.55 -4.24
C GLU B 252 10.65 -18.84 -4.91
N CYS B 253 11.69 -19.44 -4.33
CA CYS B 253 12.25 -20.68 -4.84
C CYS B 253 11.23 -21.80 -4.88
N ALA B 254 10.51 -21.98 -3.77
CA ALA B 254 9.49 -23.03 -3.68
C ALA B 254 8.34 -22.76 -4.64
N ASP B 255 7.87 -21.52 -4.66
CA ASP B 255 6.79 -21.14 -5.54
C ASP B 255 7.23 -21.42 -6.96
N ASP B 256 8.37 -20.85 -7.34
CA ASP B 256 8.90 -21.03 -8.69
C ASP B 256 9.17 -22.49 -9.03
N ARG B 257 9.58 -23.28 -8.06
CA ARG B 257 9.86 -24.67 -8.33
C ARG B 257 8.55 -25.40 -8.63
N ALA B 258 7.47 -25.01 -7.95
CA ALA B 258 6.17 -25.63 -8.16
C ALA B 258 5.69 -25.35 -9.58
N ASP B 259 5.75 -24.08 -9.98
CA ASP B 259 5.34 -23.69 -11.32
C ASP B 259 6.04 -24.54 -12.39
N LEU B 260 7.36 -24.71 -12.25
CA LEU B 260 8.13 -25.50 -13.22
C LEU B 260 7.73 -26.98 -13.24
N ALA B 261 7.28 -27.50 -12.11
CA ALA B 261 6.85 -28.89 -12.05
C ALA B 261 5.51 -28.98 -12.78
N LYS B 262 4.73 -27.92 -12.66
CA LYS B 262 3.43 -27.83 -13.30
C LYS B 262 3.63 -27.75 -14.81
N TYR B 263 4.53 -26.85 -15.22
CA TYR B 263 4.84 -26.67 -16.64
C TYR B 263 5.32 -27.97 -17.28
N ILE B 264 6.29 -28.62 -16.65
CA ILE B 264 6.85 -29.85 -17.18
C ILE B 264 5.79 -30.93 -17.42
N CYS B 265 4.90 -31.10 -16.46
CA CYS B 265 3.84 -32.09 -16.59
C CYS B 265 2.84 -31.75 -17.70
N GLU B 266 2.59 -30.46 -17.91
CA GLU B 266 1.67 -30.00 -18.94
C GLU B 266 2.21 -30.25 -20.35
N ASN B 267 3.54 -30.41 -20.45
CA ASN B 267 4.17 -30.63 -21.76
C ASN B 267 5.00 -31.91 -21.79
N GLN B 268 4.56 -32.91 -21.03
CA GLN B 268 5.23 -34.19 -20.96
C GLN B 268 5.73 -34.78 -22.28
N ASP B 269 4.84 -34.94 -23.24
CA ASP B 269 5.20 -35.53 -24.53
C ASP B 269 6.33 -34.79 -25.25
N SER B 270 6.49 -33.50 -24.98
CA SER B 270 7.53 -32.69 -25.60
C SER B 270 8.87 -32.75 -24.85
N ILE B 271 8.87 -33.40 -23.69
CA ILE B 271 10.07 -33.46 -22.86
C ILE B 271 10.61 -34.87 -22.65
N SER B 272 9.91 -35.66 -21.85
CA SER B 272 10.35 -37.02 -21.59
C SER B 272 9.14 -37.94 -21.56
N SER B 273 9.40 -39.23 -21.64
CA SER B 273 8.33 -40.22 -21.61
C SER B 273 8.33 -41.00 -20.29
N LYS B 274 9.32 -40.72 -19.44
CA LYS B 274 9.42 -41.40 -18.16
C LYS B 274 8.80 -40.55 -17.06
N LEU B 275 8.20 -39.42 -17.44
CA LEU B 275 7.59 -38.52 -16.47
C LEU B 275 6.19 -38.90 -15.97
N LYS B 276 5.40 -39.56 -16.83
CA LYS B 276 4.04 -39.98 -16.48
C LYS B 276 3.81 -40.23 -14.99
N GLU B 277 4.33 -41.36 -14.49
CA GLU B 277 4.21 -41.74 -13.09
C GLU B 277 4.31 -40.54 -12.15
N CYS B 278 5.44 -39.86 -12.22
CA CYS B 278 5.72 -38.70 -11.39
C CYS B 278 4.61 -37.65 -11.38
N CYS B 279 4.17 -37.26 -12.56
CA CYS B 279 3.15 -36.23 -12.68
C CYS B 279 1.80 -36.56 -12.05
N GLU B 280 1.63 -37.80 -11.58
CA GLU B 280 0.39 -38.21 -10.96
C GLU B 280 0.40 -37.77 -9.49
N LYS B 281 1.46 -38.15 -8.79
CA LYS B 281 1.63 -37.83 -7.38
C LYS B 281 1.29 -36.37 -7.02
N PRO B 282 1.31 -36.03 -5.71
CA PRO B 282 1.02 -34.66 -5.24
C PRO B 282 2.21 -33.71 -5.36
N LEU B 283 1.94 -32.42 -5.17
CA LEU B 283 2.96 -31.37 -5.26
C LEU B 283 4.37 -31.82 -4.90
N LEU B 284 4.65 -31.96 -3.61
CA LEU B 284 5.97 -32.37 -3.17
C LEU B 284 6.53 -33.60 -3.86
N GLU B 285 5.87 -34.75 -3.70
CA GLU B 285 6.38 -35.96 -4.35
C GLU B 285 6.53 -35.76 -5.86
N LYS B 286 5.70 -34.88 -6.43
CA LYS B 286 5.76 -34.59 -7.85
C LYS B 286 7.13 -34.02 -8.20
N SER B 287 7.47 -32.88 -7.59
CA SER B 287 8.73 -32.20 -7.82
C SER B 287 9.97 -33.04 -7.51
N HIS B 288 9.97 -33.74 -6.39
CA HIS B 288 11.10 -34.58 -6.01
C HIS B 288 11.28 -35.70 -7.01
N CYS B 289 10.13 -36.21 -7.46
CA CYS B 289 10.09 -37.31 -8.42
C CYS B 289 10.74 -36.90 -9.74
N ILE B 290 10.34 -35.73 -10.22
CA ILE B 290 10.83 -35.19 -11.48
C ILE B 290 12.35 -35.01 -11.48
N ALA B 291 12.87 -34.41 -10.40
CA ALA B 291 14.29 -34.16 -10.28
C ALA B 291 15.15 -35.42 -10.22
N GLU B 292 14.53 -36.58 -10.05
CA GLU B 292 15.30 -37.82 -9.96
C GLU B 292 14.95 -38.81 -11.06
N VAL B 293 14.10 -38.40 -11.98
CA VAL B 293 13.66 -39.28 -13.06
C VAL B 293 14.78 -39.82 -13.92
N GLU B 294 14.63 -41.07 -14.33
CA GLU B 294 15.59 -41.76 -15.19
C GLU B 294 15.70 -41.06 -16.54
N ASN B 295 16.75 -41.38 -17.29
CA ASN B 295 16.95 -40.77 -18.60
C ASN B 295 16.02 -41.41 -19.63
N ASP B 296 15.55 -40.59 -20.56
CA ASP B 296 14.66 -41.10 -21.60
C ASP B 296 15.50 -41.91 -22.61
N GLU B 297 14.84 -42.78 -23.36
CA GLU B 297 15.54 -43.58 -24.37
C GLU B 297 16.14 -42.62 -25.37
N MET B 298 17.21 -43.03 -26.02
CA MET B 298 17.88 -42.17 -26.99
C MET B 298 17.22 -42.23 -28.36
N PRO B 299 16.92 -41.07 -28.96
CA PRO B 299 16.30 -41.02 -30.29
C PRO B 299 17.01 -41.97 -31.25
N ALA B 300 16.19 -42.62 -32.09
CA ALA B 300 16.65 -43.61 -33.07
C ALA B 300 17.83 -43.24 -33.96
N ASP B 301 17.55 -42.57 -35.08
CA ASP B 301 18.60 -42.22 -36.03
C ASP B 301 19.14 -40.80 -35.88
N LEU B 302 20.17 -40.65 -35.05
CA LEU B 302 20.78 -39.35 -34.83
C LEU B 302 22.02 -39.21 -35.71
N PRO B 303 22.11 -38.10 -36.45
CA PRO B 303 23.25 -37.86 -37.34
C PRO B 303 24.55 -37.74 -36.55
N SER B 304 25.67 -38.00 -37.20
CA SER B 304 26.96 -37.89 -36.53
C SER B 304 27.16 -36.43 -36.17
N LEU B 305 28.06 -36.16 -35.22
CA LEU B 305 28.33 -34.80 -34.78
C LEU B 305 29.34 -34.06 -35.64
N ALA B 306 30.31 -34.79 -36.17
CA ALA B 306 31.34 -34.21 -37.02
C ALA B 306 30.75 -33.46 -38.20
N ALA B 307 29.58 -33.89 -38.65
CA ALA B 307 28.92 -33.25 -39.78
C ALA B 307 28.73 -31.75 -39.60
N ASP B 308 28.08 -31.35 -38.50
CA ASP B 308 27.82 -29.94 -38.25
C ASP B 308 28.83 -29.24 -37.35
N PHE B 309 29.73 -29.99 -36.72
CA PHE B 309 30.69 -29.36 -35.81
C PHE B 309 32.16 -29.49 -36.19
N VAL B 310 32.47 -30.41 -37.08
CA VAL B 310 33.86 -30.60 -37.51
C VAL B 310 34.06 -30.43 -39.00
N GLU B 311 33.19 -31.07 -39.78
CA GLU B 311 33.29 -31.01 -41.24
C GLU B 311 32.77 -29.72 -41.85
N SER B 312 31.63 -29.23 -41.38
CA SER B 312 31.08 -27.99 -41.92
C SER B 312 32.19 -26.94 -42.08
N LYS B 313 31.98 -26.02 -43.01
CA LYS B 313 32.94 -24.97 -43.24
C LYS B 313 32.42 -23.70 -42.59
N ASP B 314 31.20 -23.78 -42.06
CA ASP B 314 30.58 -22.64 -41.40
C ASP B 314 30.88 -22.65 -39.90
N VAL B 315 31.70 -23.57 -39.44
CA VAL B 315 32.03 -23.66 -38.02
C VAL B 315 32.45 -22.32 -37.43
N CYS B 316 33.57 -21.77 -37.90
CA CYS B 316 34.06 -20.50 -37.37
C CYS B 316 33.10 -19.32 -37.48
N LYS B 317 32.27 -19.31 -38.51
CA LYS B 317 31.31 -18.22 -38.69
C LYS B 317 30.19 -18.32 -37.65
N ASN B 318 29.63 -19.51 -37.52
CA ASN B 318 28.55 -19.73 -36.56
C ASN B 318 29.04 -19.47 -35.15
N TYR B 319 30.31 -19.77 -34.90
CA TYR B 319 30.91 -19.55 -33.60
C TYR B 319 31.06 -18.06 -33.30
N ALA B 320 31.53 -17.30 -34.30
CA ALA B 320 31.72 -15.87 -34.12
C ALA B 320 30.40 -15.13 -33.94
N GLU B 321 29.40 -15.50 -34.73
CA GLU B 321 28.07 -14.87 -34.68
C GLU B 321 27.38 -15.05 -33.34
N ALA B 322 27.47 -16.26 -32.78
CA ALA B 322 26.84 -16.55 -31.50
C ALA B 322 27.57 -17.68 -30.77
N LYS B 323 28.70 -17.35 -30.15
CA LYS B 323 29.50 -18.32 -29.41
C LYS B 323 28.69 -19.09 -28.38
N ASP B 324 27.85 -18.38 -27.64
CA ASP B 324 27.03 -18.98 -26.59
C ASP B 324 26.03 -20.01 -27.11
N VAL B 325 25.18 -19.58 -28.03
CA VAL B 325 24.20 -20.47 -28.62
C VAL B 325 24.91 -21.64 -29.31
N PHE B 326 26.03 -21.36 -29.96
CA PHE B 326 26.74 -22.40 -30.68
C PHE B 326 27.30 -23.48 -29.75
N LEU B 327 28.08 -23.05 -28.75
CA LEU B 327 28.67 -23.99 -27.80
C LEU B 327 27.54 -24.62 -27.00
N GLY B 328 26.49 -23.84 -26.77
CA GLY B 328 25.36 -24.38 -26.02
C GLY B 328 24.69 -25.51 -26.81
N MET B 329 24.73 -25.39 -28.13
CA MET B 329 24.11 -26.38 -29.01
C MET B 329 24.97 -27.63 -29.17
N PHE B 330 26.27 -27.44 -29.01
CA PHE B 330 27.22 -28.53 -29.12
C PHE B 330 27.11 -29.39 -27.86
N LEU B 331 27.09 -28.73 -26.71
CA LEU B 331 27.00 -29.43 -25.45
C LEU B 331 25.78 -30.33 -25.49
N TYR B 332 24.64 -29.72 -25.82
CA TYR B 332 23.36 -30.41 -25.94
C TYR B 332 23.42 -31.64 -26.86
N GLU B 333 23.99 -31.49 -28.05
CA GLU B 333 24.11 -32.58 -29.02
C GLU B 333 25.05 -33.68 -28.55
N TYR B 334 26.10 -33.31 -27.83
CA TYR B 334 27.04 -34.32 -27.37
C TYR B 334 26.48 -35.02 -26.14
N ALA B 335 25.85 -34.24 -25.28
CA ALA B 335 25.24 -34.76 -24.05
C ALA B 335 24.14 -35.76 -24.36
N ARG B 336 23.14 -35.31 -25.13
CA ARG B 336 21.99 -36.16 -25.45
C ARG B 336 22.40 -37.54 -25.97
N ARG B 337 23.54 -37.60 -26.65
CA ARG B 337 24.04 -38.84 -27.23
C ARG B 337 24.95 -39.65 -26.30
N HIS B 338 25.25 -39.13 -25.11
CA HIS B 338 26.17 -39.85 -24.22
C HIS B 338 25.75 -39.93 -22.76
N PRO B 339 24.70 -40.71 -22.45
CA PRO B 339 24.30 -40.80 -21.05
C PRO B 339 25.32 -41.67 -20.29
N ASP B 340 26.33 -42.14 -21.00
CA ASP B 340 27.37 -42.98 -20.42
C ASP B 340 28.56 -42.15 -19.96
N TYR B 341 28.49 -40.86 -20.21
CA TYR B 341 29.51 -39.90 -19.82
C TYR B 341 29.03 -39.11 -18.61
N SER B 342 29.98 -38.71 -17.78
CA SER B 342 29.68 -37.92 -16.60
C SER B 342 29.44 -36.48 -17.07
N VAL B 343 28.69 -35.71 -16.30
CA VAL B 343 28.43 -34.33 -16.64
C VAL B 343 29.73 -33.52 -16.69
N VAL B 344 30.64 -33.74 -15.73
CA VAL B 344 31.90 -32.99 -15.77
C VAL B 344 32.74 -33.35 -17.00
N LEU B 345 32.72 -34.61 -17.44
CA LEU B 345 33.47 -34.97 -18.64
C LEU B 345 32.89 -34.23 -19.86
N LEU B 346 31.57 -34.13 -19.96
CA LEU B 346 30.93 -33.42 -21.08
C LEU B 346 31.33 -31.96 -21.11
N LEU B 347 31.37 -31.32 -19.95
CA LEU B 347 31.74 -29.91 -19.87
C LEU B 347 33.22 -29.79 -20.15
N ARG B 348 33.97 -30.84 -19.84
CA ARG B 348 35.39 -30.80 -20.10
C ARG B 348 35.56 -30.81 -21.62
N LEU B 349 34.87 -31.75 -22.28
CA LEU B 349 34.93 -31.88 -23.73
C LEU B 349 34.56 -30.56 -24.40
N ALA B 350 33.47 -29.96 -23.93
CA ALA B 350 32.97 -28.70 -24.47
C ALA B 350 33.95 -27.59 -24.29
N LYS B 351 34.75 -27.67 -23.23
CA LYS B 351 35.73 -26.63 -22.97
C LYS B 351 36.91 -26.82 -23.94
N THR B 352 37.26 -28.07 -24.22
CA THR B 352 38.34 -28.36 -25.15
C THR B 352 37.95 -27.91 -26.57
N TYR B 353 36.70 -28.14 -26.94
CA TYR B 353 36.19 -27.76 -28.25
C TYR B 353 36.28 -26.25 -28.40
N GLU B 354 35.76 -25.53 -27.43
CA GLU B 354 35.81 -24.08 -27.46
C GLU B 354 37.26 -23.54 -27.57
N THR B 355 38.17 -24.13 -26.82
CA THR B 355 39.56 -23.70 -26.84
C THR B 355 40.14 -23.89 -28.24
N THR B 356 39.86 -25.04 -28.83
CA THR B 356 40.36 -25.30 -30.16
C THR B 356 39.80 -24.31 -31.17
N LEU B 357 38.52 -23.96 -31.06
CA LEU B 357 37.93 -23.02 -32.01
C LEU B 357 38.56 -21.65 -31.87
N GLU B 358 38.84 -21.26 -30.64
CA GLU B 358 39.43 -19.97 -30.34
C GLU B 358 40.76 -19.77 -31.08
N LYS B 359 41.63 -20.77 -31.02
CA LYS B 359 42.91 -20.65 -31.67
C LYS B 359 42.86 -21.04 -33.14
N CYS B 360 41.98 -21.96 -33.49
CA CYS B 360 41.86 -22.41 -34.87
C CYS B 360 41.20 -21.41 -35.81
N CYS B 361 40.20 -20.69 -35.33
CA CYS B 361 39.51 -19.73 -36.16
C CYS B 361 40.34 -18.50 -36.47
N ALA B 362 41.32 -18.23 -35.62
CA ALA B 362 42.19 -17.07 -35.81
C ALA B 362 43.30 -17.43 -36.79
N ALA B 363 43.47 -18.73 -37.00
CA ALA B 363 44.50 -19.25 -37.89
C ALA B 363 44.18 -19.00 -39.35
N ALA B 364 45.07 -19.47 -40.22
CA ALA B 364 44.90 -19.31 -41.66
C ALA B 364 43.76 -20.20 -42.13
N ASP B 365 44.05 -21.49 -42.26
CA ASP B 365 43.06 -22.46 -42.70
C ASP B 365 42.43 -23.13 -41.47
N PRO B 366 41.25 -22.65 -41.05
CA PRO B 366 40.55 -23.21 -39.89
C PRO B 366 40.21 -24.69 -40.05
N HIS B 367 39.51 -25.03 -41.13
CA HIS B 367 39.10 -26.43 -41.37
C HIS B 367 40.22 -27.43 -41.15
N GLU B 368 41.45 -27.05 -41.51
CA GLU B 368 42.60 -27.94 -41.32
C GLU B 368 42.97 -28.00 -39.85
N CYS B 369 43.04 -26.84 -39.22
CA CYS B 369 43.40 -26.71 -37.80
C CYS B 369 42.48 -27.51 -36.87
N TYR B 370 41.19 -27.18 -36.86
CA TYR B 370 40.25 -27.87 -35.99
C TYR B 370 39.73 -29.18 -36.58
N ALA B 371 40.37 -29.64 -37.64
CA ALA B 371 39.96 -30.87 -38.32
C ALA B 371 39.90 -32.10 -37.43
N LYS B 372 40.91 -32.29 -36.58
CA LYS B 372 40.96 -33.46 -35.71
C LYS B 372 40.66 -33.21 -34.21
N VAL B 373 39.78 -32.26 -33.94
CA VAL B 373 39.43 -31.90 -32.56
C VAL B 373 38.89 -33.10 -31.76
N PHE B 374 38.35 -34.09 -32.46
CA PHE B 374 37.82 -35.27 -31.80
C PHE B 374 38.91 -36.20 -31.31
N ASP B 375 40.08 -36.13 -31.93
CA ASP B 375 41.19 -36.98 -31.52
C ASP B 375 41.65 -36.52 -30.14
N GLU B 376 41.39 -35.26 -29.82
CA GLU B 376 41.77 -34.70 -28.53
C GLU B 376 40.79 -35.13 -27.45
N PHE B 377 39.61 -35.60 -27.87
CA PHE B 377 38.61 -36.05 -26.92
C PHE B 377 38.99 -37.41 -26.36
N LYS B 378 39.70 -38.20 -27.17
CA LYS B 378 40.11 -39.55 -26.78
C LYS B 378 40.79 -39.66 -25.41
N PRO B 379 41.75 -38.77 -25.12
CA PRO B 379 42.43 -38.84 -23.82
C PRO B 379 41.54 -38.43 -22.65
N LEU B 380 40.75 -37.38 -22.82
CA LEU B 380 39.88 -36.91 -21.76
C LEU B 380 38.87 -37.96 -21.33
N VAL B 381 38.42 -38.76 -22.28
CA VAL B 381 37.43 -39.82 -22.04
C VAL B 381 38.04 -41.06 -21.37
N GLU B 382 39.25 -41.43 -21.77
CA GLU B 382 39.86 -42.61 -21.21
C GLU B 382 40.38 -42.49 -19.79
N GLU B 383 40.83 -41.29 -19.40
CA GLU B 383 41.33 -41.07 -18.05
C GLU B 383 40.29 -41.43 -16.97
N PRO B 384 39.06 -40.91 -17.09
CA PRO B 384 38.01 -41.20 -16.11
C PRO B 384 37.70 -42.68 -16.17
N GLN B 385 37.77 -43.25 -17.36
CA GLN B 385 37.47 -44.65 -17.54
C GLN B 385 38.42 -45.63 -16.86
N ASN B 386 39.73 -45.47 -17.01
CA ASN B 386 40.57 -46.44 -16.34
C ASN B 386 40.70 -46.13 -14.85
N LEU B 387 40.32 -44.91 -14.47
CA LEU B 387 40.38 -44.53 -13.06
C LEU B 387 39.27 -45.31 -12.38
N ILE B 388 38.05 -45.18 -12.92
CA ILE B 388 36.89 -45.88 -12.40
C ILE B 388 37.12 -47.39 -12.41
N LYS B 389 37.57 -47.92 -13.54
CA LYS B 389 37.80 -49.36 -13.65
C LYS B 389 38.84 -49.87 -12.65
N GLN B 390 39.89 -49.10 -12.43
CA GLN B 390 40.93 -49.52 -11.50
C GLN B 390 40.43 -49.50 -10.06
N ASN B 391 39.89 -48.36 -9.63
CA ASN B 391 39.41 -48.23 -8.27
C ASN B 391 38.27 -49.13 -7.86
N CYS B 392 37.37 -49.46 -8.78
CA CYS B 392 36.25 -50.35 -8.47
C CYS B 392 36.77 -51.78 -8.26
N GLU B 393 37.77 -52.14 -9.05
CA GLU B 393 38.38 -53.45 -8.96
C GLU B 393 38.98 -53.51 -7.56
N LEU B 394 39.73 -52.46 -7.22
CA LEU B 394 40.36 -52.38 -5.91
C LEU B 394 39.31 -52.44 -4.79
N PHE B 395 38.17 -51.80 -5.01
CA PHE B 395 37.09 -51.80 -4.02
C PHE B 395 36.54 -53.20 -3.83
N GLU B 396 36.18 -53.84 -4.95
CA GLU B 396 35.64 -55.19 -4.93
C GLU B 396 36.55 -56.19 -4.21
N GLN B 397 37.81 -55.80 -4.01
CA GLN B 397 38.75 -56.70 -3.35
C GLN B 397 38.89 -56.42 -1.85
N LEU B 398 38.95 -55.14 -1.48
CA LEU B 398 39.12 -54.74 -0.08
C LEU B 398 37.86 -54.52 0.74
N GLY B 399 36.76 -54.13 0.10
CA GLY B 399 35.53 -53.86 0.83
C GLY B 399 35.49 -52.40 1.19
N GLU B 400 34.34 -51.87 1.57
CA GLU B 400 34.24 -50.44 1.86
C GLU B 400 35.26 -49.89 2.88
N TYR B 401 35.45 -50.61 3.99
CA TYR B 401 36.35 -50.17 5.05
C TYR B 401 37.82 -50.05 4.65
N LYS B 402 38.40 -51.14 4.16
CA LYS B 402 39.80 -51.11 3.75
C LYS B 402 40.02 -50.14 2.59
N PHE B 403 38.96 -49.90 1.82
CA PHE B 403 39.04 -48.99 0.69
C PHE B 403 39.09 -47.56 1.19
N GLN B 404 38.26 -47.24 2.19
CA GLN B 404 38.26 -45.88 2.76
C GLN B 404 39.65 -45.61 3.35
N ASN B 405 40.25 -46.62 3.99
CA ASN B 405 41.58 -46.43 4.57
C ASN B 405 42.62 -46.16 3.48
N ALA B 406 42.58 -46.93 2.39
CA ALA B 406 43.51 -46.71 1.29
C ALA B 406 43.38 -45.26 0.79
N LEU B 407 42.16 -44.76 0.68
CA LEU B 407 41.95 -43.40 0.20
C LEU B 407 42.36 -42.40 1.27
N LEU B 408 42.31 -42.82 2.53
CA LEU B 408 42.69 -41.94 3.65
C LEU B 408 44.17 -41.62 3.55
N VAL B 409 44.96 -42.68 3.37
CA VAL B 409 46.40 -42.56 3.24
C VAL B 409 46.74 -41.72 2.01
N ARG B 410 46.05 -42.00 0.91
CA ARG B 410 46.27 -41.30 -0.34
C ARG B 410 46.06 -39.80 -0.25
N TYR B 411 44.93 -39.39 0.33
CA TYR B 411 44.63 -37.98 0.46
C TYR B 411 45.42 -37.19 1.50
N THR B 412 45.74 -37.83 2.63
CA THR B 412 46.53 -37.16 3.66
C THR B 412 47.92 -36.85 3.08
N LYS B 413 48.46 -37.78 2.30
CA LYS B 413 49.77 -37.54 1.67
C LYS B 413 49.71 -36.38 0.67
N LYS B 414 48.63 -36.34 -0.14
CA LYS B 414 48.47 -35.27 -1.12
C LYS B 414 48.39 -33.92 -0.45
N VAL B 415 47.60 -33.83 0.61
CA VAL B 415 47.42 -32.54 1.29
C VAL B 415 47.44 -32.64 2.83
N PRO B 416 48.61 -32.96 3.40
CA PRO B 416 48.91 -33.13 4.84
C PRO B 416 48.45 -32.01 5.76
N GLN B 417 48.30 -30.80 5.24
CA GLN B 417 47.88 -29.67 6.06
C GLN B 417 46.41 -29.68 6.49
N VAL B 418 45.54 -30.24 5.66
CA VAL B 418 44.12 -30.26 5.96
C VAL B 418 43.87 -30.88 7.34
N SER B 419 42.90 -30.34 8.08
CA SER B 419 42.61 -30.86 9.43
C SER B 419 42.12 -32.31 9.40
N THR B 420 42.63 -33.09 10.35
CA THR B 420 42.30 -34.51 10.49
C THR B 420 40.81 -34.84 10.39
N PRO B 421 39.96 -34.02 11.03
CA PRO B 421 38.52 -34.27 10.97
C PRO B 421 38.01 -34.17 9.53
N THR B 422 38.40 -33.10 8.84
CA THR B 422 37.97 -32.89 7.45
C THR B 422 38.50 -34.01 6.53
N LEU B 423 39.71 -34.47 6.79
CA LEU B 423 40.27 -35.54 5.96
C LEU B 423 39.50 -36.82 6.18
N VAL B 424 39.24 -37.14 7.44
CA VAL B 424 38.53 -38.36 7.77
C VAL B 424 37.15 -38.38 7.12
N GLU B 425 36.41 -37.27 7.23
CA GLU B 425 35.09 -37.23 6.63
C GLU B 425 35.08 -37.31 5.09
N VAL B 426 35.91 -36.49 4.44
CA VAL B 426 36.00 -36.48 2.99
C VAL B 426 36.43 -37.84 2.49
N SER B 427 37.38 -38.46 3.17
CA SER B 427 37.85 -39.76 2.74
C SER B 427 36.80 -40.85 2.81
N ARG B 428 36.10 -40.93 3.94
CA ARG B 428 35.06 -41.95 4.09
C ARG B 428 34.02 -41.73 3.01
N ASN B 429 33.66 -40.46 2.78
CA ASN B 429 32.68 -40.15 1.74
C ASN B 429 33.17 -40.56 0.35
N LEU B 430 34.45 -40.29 0.05
CA LEU B 430 35.02 -40.65 -1.23
C LEU B 430 34.97 -42.17 -1.34
N GLY B 431 35.23 -42.85 -0.22
CA GLY B 431 35.20 -44.30 -0.23
C GLY B 431 33.85 -44.91 -0.54
N LYS B 432 32.78 -44.16 -0.28
CA LYS B 432 31.44 -44.68 -0.53
C LYS B 432 31.04 -44.75 -2.01
N VAL B 433 31.86 -44.19 -2.90
CA VAL B 433 31.55 -44.24 -4.31
C VAL B 433 31.61 -45.70 -4.66
N GLY B 434 32.55 -46.41 -4.03
CA GLY B 434 32.71 -47.83 -4.30
C GLY B 434 31.39 -48.58 -4.20
N SER B 435 30.75 -48.50 -3.05
CA SER B 435 29.49 -49.20 -2.86
C SER B 435 28.32 -48.63 -3.66
N LYS B 436 28.27 -47.32 -3.83
CA LYS B 436 27.17 -46.72 -4.57
C LYS B 436 27.26 -46.78 -6.11
N CYS B 437 28.46 -46.96 -6.65
CA CYS B 437 28.60 -46.97 -8.10
C CYS B 437 29.15 -48.20 -8.75
N CYS B 438 30.17 -48.79 -8.16
CA CYS B 438 30.78 -49.94 -8.75
C CYS B 438 29.87 -51.10 -9.10
N LYS B 439 28.73 -51.20 -8.43
CA LYS B 439 27.82 -52.29 -8.72
C LYS B 439 27.36 -52.16 -10.18
N HIS B 440 27.03 -50.94 -10.58
CA HIS B 440 26.57 -50.67 -11.92
C HIS B 440 27.46 -51.30 -13.00
N PRO B 441 26.94 -51.45 -14.24
CA PRO B 441 27.70 -52.04 -15.34
C PRO B 441 28.46 -50.91 -16.04
N GLU B 442 29.64 -51.23 -16.58
CA GLU B 442 30.48 -50.25 -17.26
C GLU B 442 29.74 -49.02 -17.84
N ALA B 443 28.58 -49.24 -18.43
CA ALA B 443 27.80 -48.16 -19.04
C ALA B 443 27.29 -47.08 -18.11
N LYS B 444 27.03 -47.41 -16.85
CA LYS B 444 26.51 -46.42 -15.92
C LYS B 444 27.49 -45.98 -14.86
N ARG B 445 28.65 -46.62 -14.81
CA ARG B 445 29.65 -46.29 -13.80
C ARG B 445 30.17 -44.86 -13.77
N MET B 446 30.52 -44.34 -14.93
CA MET B 446 31.09 -43.00 -15.06
C MET B 446 30.24 -41.82 -14.56
N PRO B 447 28.95 -41.76 -14.93
CA PRO B 447 28.13 -40.65 -14.45
C PRO B 447 28.00 -40.78 -12.95
N CYS B 448 27.76 -42.01 -12.49
CA CYS B 448 27.60 -42.28 -11.06
C CYS B 448 28.83 -41.84 -10.26
N ALA B 449 29.99 -42.41 -10.60
CA ALA B 449 31.23 -42.12 -9.90
C ALA B 449 31.80 -40.71 -9.98
N GLU B 450 32.12 -40.24 -11.18
CA GLU B 450 32.72 -38.93 -11.31
C GLU B 450 31.87 -37.75 -10.87
N ASP B 451 30.57 -37.81 -11.06
CA ASP B 451 29.77 -36.68 -10.63
C ASP B 451 29.60 -36.69 -9.12
N TYR B 452 29.56 -37.87 -8.54
CA TYR B 452 29.45 -38.01 -7.10
C TYR B 452 30.77 -37.47 -6.50
N LEU B 453 31.91 -37.80 -7.12
CA LEU B 453 33.22 -37.30 -6.65
C LEU B 453 33.25 -35.77 -6.73
N SER B 454 32.52 -35.20 -7.67
CA SER B 454 32.48 -33.75 -7.76
C SER B 454 31.81 -33.18 -6.51
N VAL B 455 30.79 -33.88 -6.03
CA VAL B 455 30.06 -33.44 -4.84
C VAL B 455 30.94 -33.49 -3.59
N VAL B 456 31.56 -34.63 -3.35
CA VAL B 456 32.42 -34.77 -2.18
C VAL B 456 33.59 -33.79 -2.20
N LEU B 457 34.30 -33.69 -3.32
CA LEU B 457 35.42 -32.76 -3.39
C LEU B 457 34.92 -31.34 -3.16
N ASN B 458 33.68 -31.05 -3.54
CA ASN B 458 33.17 -29.70 -3.29
C ASN B 458 33.08 -29.50 -1.78
N GLN B 459 32.75 -30.57 -1.07
CA GLN B 459 32.61 -30.54 0.39
C GLN B 459 33.99 -30.15 0.99
N LEU B 460 35.05 -30.84 0.55
CA LEU B 460 36.40 -30.53 0.99
C LEU B 460 36.70 -29.08 0.66
N CYS B 461 36.33 -28.63 -0.52
CA CYS B 461 36.58 -27.25 -0.87
C CYS B 461 35.89 -26.25 0.05
N VAL B 462 34.59 -26.41 0.32
CA VAL B 462 33.93 -25.44 1.18
C VAL B 462 34.44 -25.56 2.63
N LEU B 463 34.58 -26.77 3.15
CA LEU B 463 35.11 -26.86 4.52
C LEU B 463 36.50 -26.20 4.58
N HIS B 464 37.27 -26.29 3.49
CA HIS B 464 38.61 -25.72 3.45
C HIS B 464 38.64 -24.19 3.31
N GLU B 465 37.68 -23.66 2.56
CA GLU B 465 37.60 -22.22 2.33
C GLU B 465 37.43 -21.45 3.65
N LYS B 466 36.91 -22.13 4.67
CA LYS B 466 36.71 -21.51 5.97
C LYS B 466 38.05 -21.07 6.56
N THR B 467 38.98 -22.02 6.66
CA THR B 467 40.31 -21.75 7.20
C THR B 467 41.34 -22.34 6.26
N PRO B 468 41.74 -21.58 5.24
CA PRO B 468 42.73 -22.02 4.25
C PRO B 468 44.03 -22.45 4.92
N VAL B 469 44.58 -23.59 4.53
CA VAL B 469 45.82 -24.02 5.14
C VAL B 469 46.71 -24.71 4.12
N SER B 470 46.13 -25.04 2.97
CA SER B 470 46.87 -25.70 1.90
C SER B 470 46.70 -24.99 0.56
N ASP B 471 47.80 -24.45 0.07
CA ASP B 471 47.79 -23.75 -1.21
C ASP B 471 47.35 -24.73 -2.30
N ARG B 472 47.70 -26.01 -2.14
CA ARG B 472 47.34 -27.02 -3.13
C ARG B 472 45.82 -27.26 -3.14
N VAL B 473 45.19 -27.26 -1.97
CA VAL B 473 43.76 -27.45 -1.94
C VAL B 473 43.11 -26.25 -2.66
N THR B 474 43.53 -25.05 -2.27
CA THR B 474 43.02 -23.81 -2.84
C THR B 474 43.13 -23.73 -4.37
N LYS B 475 44.31 -23.99 -4.90
CA LYS B 475 44.50 -23.94 -6.33
C LYS B 475 43.53 -24.91 -7.06
N CYS B 476 43.49 -26.17 -6.65
CA CYS B 476 42.60 -27.11 -7.29
C CYS B 476 41.10 -26.76 -7.15
N CYS B 477 40.72 -26.06 -6.08
CA CYS B 477 39.31 -25.69 -5.85
C CYS B 477 38.85 -24.47 -6.60
N THR B 478 39.73 -23.50 -6.81
CA THR B 478 39.32 -22.27 -7.47
C THR B 478 39.73 -22.11 -8.92
N GLU B 479 40.67 -22.90 -9.39
CA GLU B 479 41.15 -22.80 -10.76
C GLU B 479 40.12 -23.19 -11.83
N SER B 480 39.33 -24.22 -11.53
CA SER B 480 38.36 -24.68 -12.50
C SER B 480 37.36 -25.60 -11.84
N LEU B 481 36.10 -25.28 -11.97
CA LEU B 481 35.07 -26.11 -11.37
C LEU B 481 35.09 -27.51 -11.96
N VAL B 482 35.12 -27.58 -13.28
CA VAL B 482 35.11 -28.85 -13.99
C VAL B 482 36.34 -29.76 -13.89
N ASN B 483 37.49 -29.18 -13.60
CA ASN B 483 38.72 -29.96 -13.52
C ASN B 483 39.19 -30.30 -12.10
N ARG B 484 38.32 -30.05 -11.12
CA ARG B 484 38.65 -30.32 -9.73
C ARG B 484 39.12 -31.73 -9.49
N ARG B 485 38.28 -32.68 -9.88
CA ARG B 485 38.59 -34.08 -9.70
C ARG B 485 39.94 -34.43 -10.33
N PRO B 486 40.14 -34.08 -11.61
CA PRO B 486 41.44 -34.40 -12.24
C PRO B 486 42.60 -33.68 -11.57
N CYS B 487 42.36 -32.50 -11.05
CA CYS B 487 43.40 -31.74 -10.38
C CYS B 487 43.85 -32.50 -9.11
N PHE B 488 42.89 -32.91 -8.27
CA PHE B 488 43.21 -33.65 -7.04
C PHE B 488 43.84 -35.02 -7.36
N SER B 489 43.34 -35.69 -8.39
CA SER B 489 43.90 -36.99 -8.76
C SER B 489 45.37 -36.91 -9.15
N ALA B 490 45.79 -35.79 -9.73
CA ALA B 490 47.18 -35.64 -10.16
C ALA B 490 48.17 -35.40 -9.01
N LEU B 491 47.69 -34.88 -7.89
CA LEU B 491 48.59 -34.64 -6.77
C LEU B 491 49.06 -35.99 -6.22
N GLU B 492 50.34 -36.04 -5.84
CA GLU B 492 50.90 -37.26 -5.28
C GLU B 492 51.31 -37.04 -3.83
N VAL B 493 52.46 -36.44 -3.59
CA VAL B 493 52.90 -36.20 -2.22
C VAL B 493 53.39 -34.77 -2.07
N ASP B 494 52.91 -34.08 -1.04
CA ASP B 494 53.36 -32.72 -0.83
C ASP B 494 54.80 -32.87 -0.32
N GLU B 495 55.74 -32.44 -1.16
CA GLU B 495 57.17 -32.55 -0.87
C GLU B 495 57.76 -31.48 0.01
N THR B 496 57.01 -30.41 0.25
CA THR B 496 57.48 -29.30 1.06
C THR B 496 56.95 -29.37 2.49
N TYR B 497 56.13 -30.38 2.75
CA TYR B 497 55.51 -30.60 4.05
C TYR B 497 56.49 -31.17 5.08
N VAL B 498 56.66 -30.45 6.19
CA VAL B 498 57.54 -30.93 7.26
C VAL B 498 56.71 -31.71 8.28
N PRO B 499 57.07 -32.99 8.51
CA PRO B 499 56.34 -33.83 9.47
C PRO B 499 56.30 -33.20 10.84
N LYS B 500 55.22 -33.42 11.58
CA LYS B 500 55.15 -32.84 12.91
C LYS B 500 55.55 -33.83 13.99
N GLU B 501 56.06 -33.29 15.09
CA GLU B 501 56.49 -34.11 16.22
C GLU B 501 55.26 -34.67 16.94
N PHE B 502 55.41 -35.88 17.51
CA PHE B 502 54.33 -36.57 18.23
C PHE B 502 53.73 -35.85 19.45
N ASN B 503 52.45 -36.13 19.72
CA ASN B 503 51.74 -35.56 20.86
C ASN B 503 51.11 -36.69 21.65
N ALA B 504 51.61 -36.91 22.86
CA ALA B 504 51.10 -37.97 23.73
C ALA B 504 49.58 -38.11 23.64
N GLU B 505 48.88 -37.00 23.90
CA GLU B 505 47.42 -36.96 23.88
C GLU B 505 46.82 -37.59 22.61
N THR B 506 47.48 -37.38 21.48
CA THR B 506 46.99 -37.88 20.20
C THR B 506 47.05 -39.39 19.98
N PHE B 507 47.89 -40.08 20.71
CA PHE B 507 47.96 -41.53 20.53
C PHE B 507 47.41 -42.35 21.71
N THR B 508 46.90 -41.66 22.73
CA THR B 508 46.36 -42.33 23.92
C THR B 508 44.93 -42.82 23.73
N PHE B 509 44.74 -44.14 23.73
CA PHE B 509 43.40 -44.70 23.58
C PHE B 509 42.89 -45.07 24.96
N HIS B 510 41.60 -44.84 25.21
CA HIS B 510 41.03 -45.14 26.51
C HIS B 510 39.94 -46.18 26.42
N ALA B 511 39.36 -46.47 27.57
CA ALA B 511 38.28 -47.43 27.66
C ALA B 511 37.05 -46.85 26.98
N ASP B 512 37.09 -45.53 26.74
CA ASP B 512 36.00 -44.82 26.08
C ASP B 512 35.67 -45.49 24.76
N ILE B 513 36.68 -46.12 24.16
CA ILE B 513 36.54 -46.80 22.88
C ILE B 513 35.83 -48.16 22.97
N CYS B 514 35.19 -48.45 24.10
CA CYS B 514 34.51 -49.74 24.24
C CYS B 514 33.00 -49.57 24.35
N THR B 515 32.56 -48.33 24.52
CA THR B 515 31.13 -48.01 24.64
C THR B 515 30.52 -47.45 23.36
N LEU B 516 31.35 -47.17 22.37
CA LEU B 516 30.88 -46.62 21.09
C LEU B 516 30.69 -47.69 20.01
N SER B 517 29.72 -47.43 19.15
CA SER B 517 29.34 -48.31 18.05
C SER B 517 30.53 -48.79 17.22
N GLU B 518 30.36 -49.94 16.57
CA GLU B 518 31.40 -50.52 15.75
C GLU B 518 31.83 -49.50 14.70
N LYS B 519 30.91 -48.63 14.29
CA LYS B 519 31.21 -47.61 13.29
C LYS B 519 32.04 -46.48 13.90
N GLU B 520 31.54 -45.89 14.98
CA GLU B 520 32.22 -44.80 15.65
C GLU B 520 33.64 -45.21 16.05
N ARG B 521 33.83 -46.52 16.19
CA ARG B 521 35.12 -47.07 16.58
C ARG B 521 36.12 -47.05 15.41
N GLN B 522 35.64 -47.38 14.22
CA GLN B 522 36.49 -47.38 13.04
C GLN B 522 36.87 -45.94 12.70
N ILE B 523 36.01 -45.01 13.11
CA ILE B 523 36.26 -43.60 12.87
C ILE B 523 37.38 -43.13 13.82
N LYS B 524 37.63 -43.91 14.86
CA LYS B 524 38.68 -43.59 15.83
C LYS B 524 40.00 -44.07 15.25
N LYS B 525 39.97 -45.30 14.75
CA LYS B 525 41.15 -45.90 14.15
C LYS B 525 41.54 -45.12 12.89
N GLN B 526 40.54 -44.64 12.15
CA GLN B 526 40.81 -43.87 10.93
C GLN B 526 41.41 -42.52 11.27
N THR B 527 40.97 -41.95 12.38
CA THR B 527 41.48 -40.66 12.83
C THR B 527 42.94 -40.83 13.23
N ALA B 528 43.26 -42.02 13.72
CA ALA B 528 44.62 -42.32 14.17
C ALA B 528 45.51 -42.52 12.97
N LEU B 529 45.00 -43.21 11.96
CA LEU B 529 45.75 -43.48 10.74
C LEU B 529 46.19 -42.18 10.07
N VAL B 530 45.30 -41.18 10.07
CA VAL B 530 45.62 -39.87 9.48
C VAL B 530 46.80 -39.25 10.26
N GLU B 531 46.68 -39.22 11.59
CA GLU B 531 47.73 -38.67 12.47
C GLU B 531 49.06 -39.38 12.24
N LEU B 532 48.98 -40.67 11.95
CA LEU B 532 50.17 -41.46 11.71
C LEU B 532 50.82 -41.06 10.37
N VAL B 533 50.01 -40.64 9.41
CA VAL B 533 50.56 -40.26 8.12
C VAL B 533 51.09 -38.85 8.21
N LYS B 534 50.44 -38.02 9.00
CA LYS B 534 50.90 -36.66 9.15
C LYS B 534 52.28 -36.63 9.84
N HIS B 535 52.59 -37.70 10.57
CA HIS B 535 53.83 -37.81 11.30
C HIS B 535 54.95 -38.45 10.47
N LYS B 536 54.64 -39.57 9.83
CA LYS B 536 55.61 -40.26 9.00
C LYS B 536 55.10 -40.40 7.56
N PRO B 537 54.99 -39.27 6.83
CA PRO B 537 54.51 -39.30 5.44
C PRO B 537 55.26 -40.28 4.57
N LYS B 538 56.54 -39.97 4.32
CA LYS B 538 57.40 -40.80 3.49
C LYS B 538 57.28 -42.30 3.75
N ALA B 539 56.64 -42.66 4.85
CA ALA B 539 56.47 -44.07 5.19
C ALA B 539 55.72 -44.78 4.07
N THR B 540 55.97 -46.08 3.92
CA THR B 540 55.31 -46.86 2.88
C THR B 540 53.92 -47.34 3.25
N LYS B 541 53.11 -47.59 2.23
CA LYS B 541 51.75 -48.08 2.42
C LYS B 541 51.73 -49.43 3.15
N GLU B 542 52.63 -50.33 2.74
CA GLU B 542 52.73 -51.63 3.37
C GLU B 542 53.01 -51.48 4.86
N GLN B 543 54.12 -50.83 5.18
CA GLN B 543 54.53 -50.61 6.55
C GLN B 543 53.40 -49.94 7.33
N LEU B 544 52.60 -49.13 6.64
CA LEU B 544 51.50 -48.42 7.28
C LEU B 544 50.51 -49.43 7.83
N LYS B 545 50.19 -50.46 7.03
CA LYS B 545 49.28 -51.50 7.48
C LYS B 545 49.95 -52.38 8.52
N ALA B 546 51.27 -52.42 8.49
CA ALA B 546 52.05 -53.20 9.44
C ALA B 546 51.73 -52.78 10.86
N VAL B 547 51.49 -51.48 11.05
CA VAL B 547 51.17 -50.97 12.39
C VAL B 547 49.67 -50.84 12.54
N MET B 548 48.98 -50.63 11.43
CA MET B 548 47.52 -50.50 11.45
C MET B 548 46.91 -51.81 11.91
N ASP B 549 47.33 -52.91 11.29
CA ASP B 549 46.82 -54.24 11.65
C ASP B 549 47.17 -54.47 13.11
N ASP B 550 48.28 -53.90 13.55
CA ASP B 550 48.73 -54.02 14.93
C ASP B 550 47.89 -53.12 15.83
N PHE B 551 47.18 -52.18 15.20
CA PHE B 551 46.33 -51.26 15.93
C PHE B 551 45.05 -51.98 16.28
N ALA B 552 44.71 -53.00 15.49
CA ALA B 552 43.51 -53.80 15.71
C ALA B 552 43.70 -54.61 16.99
N ALA B 553 44.84 -55.28 17.10
CA ALA B 553 45.12 -56.08 18.29
C ALA B 553 45.22 -55.15 19.49
N PHE B 554 45.66 -53.93 19.27
CA PHE B 554 45.80 -52.94 20.34
C PHE B 554 44.47 -52.58 20.97
N VAL B 555 43.39 -52.72 20.22
CA VAL B 555 42.06 -52.38 20.74
C VAL B 555 41.38 -53.62 21.32
N GLU B 556 41.82 -54.79 20.87
CA GLU B 556 41.28 -56.06 21.32
C GLU B 556 42.00 -56.55 22.58
N LYS B 557 42.15 -55.68 23.56
CA LYS B 557 42.84 -56.03 24.80
C LYS B 557 42.20 -55.40 26.02
N CYS B 558 42.36 -54.09 26.15
CA CYS B 558 41.80 -53.36 27.28
C CYS B 558 40.30 -53.45 27.47
N CYS B 559 39.53 -53.36 26.38
CA CYS B 559 38.08 -53.43 26.46
C CYS B 559 37.60 -54.68 27.22
N LYS B 560 38.55 -55.57 27.50
CA LYS B 560 38.26 -56.81 28.21
C LYS B 560 39.43 -57.12 29.15
N ALA B 561 39.57 -56.34 30.22
CA ALA B 561 40.65 -56.55 31.18
C ALA B 561 40.13 -56.57 32.61
N ASP B 562 38.87 -56.19 32.80
CA ASP B 562 38.24 -56.16 34.13
C ASP B 562 39.09 -55.33 35.09
N ASP B 563 39.71 -54.28 34.57
CA ASP B 563 40.56 -53.39 35.35
C ASP B 563 39.85 -52.08 35.69
N LYS B 564 40.17 -51.52 36.85
CA LYS B 564 39.55 -50.26 37.27
C LYS B 564 39.64 -49.24 36.14
N GLU B 565 40.84 -49.15 35.55
CA GLU B 565 41.12 -48.24 34.44
C GLU B 565 42.55 -48.49 33.98
N THR B 566 43.34 -49.07 34.89
CA THR B 566 44.75 -49.40 34.66
C THR B 566 45.13 -49.70 33.21
N CYS B 567 44.60 -50.80 32.66
CA CYS B 567 44.90 -51.20 31.28
C CYS B 567 45.07 -50.01 30.35
N PHE B 568 44.06 -49.16 30.35
CA PHE B 568 44.05 -47.95 29.52
C PHE B 568 45.45 -47.34 29.41
N ALA B 569 46.12 -47.16 30.54
CA ALA B 569 47.44 -46.57 30.56
C ALA B 569 48.55 -47.62 30.36
N GLU B 570 48.29 -48.85 30.80
CA GLU B 570 49.25 -49.93 30.69
C GLU B 570 49.38 -50.50 29.29
N GLU B 571 48.27 -51.02 28.76
CA GLU B 571 48.22 -51.61 27.42
C GLU B 571 48.71 -50.58 26.41
N GLY B 572 48.52 -49.30 26.74
CA GLY B 572 48.95 -48.23 25.86
C GLY B 572 50.46 -48.09 25.80
N LYS B 573 51.13 -48.67 26.79
CA LYS B 573 52.60 -48.62 26.87
C LYS B 573 53.22 -49.50 25.80
N LYS B 574 52.59 -50.65 25.53
CA LYS B 574 53.06 -51.57 24.52
C LYS B 574 52.79 -50.97 23.14
N LEU B 575 51.68 -50.25 23.02
CA LEU B 575 51.30 -49.60 21.78
C LEU B 575 52.31 -48.51 21.39
N VAL B 576 52.47 -47.52 22.24
CA VAL B 576 53.41 -46.42 21.98
C VAL B 576 54.82 -46.94 21.70
N ALA B 577 55.28 -47.89 22.50
CA ALA B 577 56.61 -48.47 22.33
C ALA B 577 56.77 -49.00 20.90
N ALA B 578 55.77 -49.74 20.44
CA ALA B 578 55.79 -50.29 19.09
C ALA B 578 55.53 -49.15 18.10
N SER B 579 54.78 -48.15 18.55
CA SER B 579 54.45 -46.99 17.72
C SER B 579 55.67 -46.11 17.43
N GLN B 580 56.53 -45.95 18.42
CA GLN B 580 57.74 -45.14 18.28
C GLN B 580 58.78 -45.89 17.45
N ALA B 581 58.62 -47.20 17.37
CA ALA B 581 59.54 -48.03 16.61
C ALA B 581 59.34 -47.83 15.11
N ALA B 582 58.14 -48.19 14.62
CA ALA B 582 57.83 -48.06 13.19
C ALA B 582 58.15 -46.67 12.64
C1 C1F C . -13.78 34.26 10.84
C2 C1F C . -14.89 34.37 10.01
C3 C1F C . -15.97 34.11 10.88
C4 C1F C . -17.47 34.08 10.60
C6 C1F C . -12.28 34.44 10.50
O C1F C . -15.54 33.88 12.01
C7 C1F C . -13.08 36.16 13.92
C9 C1F C . -18.03 32.66 10.62
C11 C1F C . -13.55 33.71 13.42
C40 C1F C . -14.30 33.95 12.09
C12 C1F C . -13.77 34.87 14.40
C70 C1F C . -19.55 32.69 10.80
O1 C1F C . -16.01 35.08 7.97
C13 C1F C . -14.96 34.70 8.49
O2 C1F C . -13.97 34.62 7.77
O3 C1F C . -20.10 32.04 11.68
O4 C1F C . -20.25 33.35 10.03
C1 C1F D . -40.99 27.37 8.39
C2 C1F D . -42.37 27.50 8.50
C3 C1F D . -42.76 26.33 9.15
C4 C1F D . -44.15 25.86 9.58
C6 C1F D . -39.98 28.33 7.77
O C1F D . -41.74 25.63 9.39
C7 C1F D . -38.42 23.74 10.78
C9 C1F D . -44.65 26.68 10.78
C11 C1F D . -39.31 25.46 9.18
C40 C1F D . -40.69 26.15 8.99
C12 C1F D . -38.99 25.15 10.64
C70 C1F D . -46.11 26.42 11.13
O1 C1F D . -44.49 28.69 8.25
C13 C1F D . -43.29 28.67 8.00
O2 C1F D . -42.84 29.60 7.36
O3 C1F D . -46.92 27.32 11.13
O4 C1F D . -46.49 25.27 11.47
C1 C1F E . 14.14 -30.12 -11.33
C2 C1F E . 15.31 -30.04 -10.57
C3 C1F E . 16.26 -30.65 -11.40
C4 C1F E . 17.75 -30.89 -11.18
C6 C1F E . 12.72 -29.62 -10.97
O C1F E . 15.73 -31.03 -12.44
C7 C1F E . 13.92 -28.90 -14.94
C9 C1F E . 18.02 -32.12 -10.32
C11 C1F E . 13.62 -31.13 -13.71
C40 C1F E . 14.50 -30.77 -12.50
C12 C1F E . 14.09 -30.44 -14.99
C70 C1F E . 19.48 -32.53 -10.45
O1 C1F E . 16.62 -29.04 -8.81
C13 C1F E . 15.52 -29.40 -9.17
O2 C1F E . 14.58 -29.24 -8.39
O3 C1F E . 19.84 -33.32 -11.31
O4 C1F E . 20.33 -32.09 -9.66
C1 C1F F . 39.85 -40.70 -6.37
C2 C1F F . 41.23 -40.82 -6.47
C3 C1F F . 41.43 -42.19 -6.64
C4 C1F F . 42.73 -42.99 -6.82
C6 C1F F . 39.00 -39.43 -6.17
O C1F F . 40.32 -42.77 -6.64
C7 C1F F . 36.52 -44.20 -7.69
C9 C1F F . 43.33 -42.80 -8.22
C11 C1F F . 37.91 -42.50 -6.46
C40 C1F F . 39.36 -41.99 -6.50
C12 C1F F . 37.42 -42.98 -7.83
C70 C1F F . 44.75 -43.38 -8.33
O1 C1F F . 43.50 -39.97 -6.56
C13 C1F F . 42.31 -39.70 -6.41
O2 C1F F . 42.02 -38.54 -6.21
O3 C1F F . 45.71 -42.66 -8.56
O4 C1F F . 44.94 -44.61 -8.22
#